data_2RDJ
#
_entry.id   2RDJ
#
_cell.length_a   97.993
_cell.length_b   102.510
_cell.length_c   106.109
_cell.angle_alpha   90.00
_cell.angle_beta   90.00
_cell.angle_gamma   90.00
#
_symmetry.space_group_name_H-M   'P 21 21 21'
#
loop_
_entity.id
_entity.type
_entity.pdbx_description
1 polymer "DNA (5'-D(*DGP*DGP*DGP*DAP*DCP*DCP*DCP*DTP*DTP*DCP*DGP*DAP*DAP*DT)-3')"
2 polymer "DNA (5'-D(P*DTP*DTP*DAP*DTP*DTP*DCP*DGP*DAP*DAP*DGP*DGP*DGP*DTP*DCP*DCP*DC)-3')"
3 polymer "DNA (5'-D(P*DTP*DAP*DTP*DTP*DCP*DGP*DAP*DAP*DGP*DGP*DGP*DTP*DCP*DCP*DC)-3')"
4 polymer 'DNA polymerase IV'
5 non-polymer 'CALCIUM ION'
6 non-polymer "THYMIDINE-5'-PHOSPHATE"
7 non-polymer GLYCEROL
8 water water
#
loop_
_entity_poly.entity_id
_entity_poly.type
_entity_poly.pdbx_seq_one_letter_code
_entity_poly.pdbx_strand_id
1 'polydeoxyribonucleotide' (DG)(DG)(DG)(DA)(DC)(DC)(DC)(DT)(DT)(DC)(DG)(DA)(DA)(DT) C,E
2 'polydeoxyribonucleotide' (DT)(DT)(DA)(DT)(DT)(DC)(DG)(DA)(DA)(DG)(DG)(DG)(DT)(DC)(DC)(DC) D
3 'polydeoxyribonucleotide' (DT)(DA)(DT)(DT)(DC)(DG)(DA)(DA)(DG)(DG)(DG)(DT)(DC)(DC)(DC) F
4 'polypeptide(L)'
;MIVLFVDFDYFYAQVEEVLNPSLKGKPVVVCVFSGRFEDSGAVATANYEARKFGVKAGIPIVEAKKILPNAVYLPMRKEV
YQQVSSRIMNLLREYSEKIEIASIDEAYLDISDKVRDYREAYNLGLEIKNKILEKEKITVTVGISKNKVFAKIAADMAKP
NGIKVIDDEEVKRLIRELDIADVPGIGNITAEKLKKLGINKLVDTLSIEFDKLKGMIGEAKAKYLISLARDEYNEPIRTR
VRKSIGRIVTMKRNSRNLEEIKPYLFRAIEESYYKLDKRIPKAIHVVAVTEDLDIVSRGRTFPHGISKETAYSESVKLLQ
KILEEDERKIRRIGVRFSKFIEAIGLDKFFDT
;
A,B
#
# COMPACT_ATOMS: atom_id res chain seq x y z
N MET E 1 -32.45 9.36 8.92
CA MET E 1 -31.50 9.96 7.96
C MET E 1 -32.22 10.85 6.96
N ILE E 2 -31.65 12.01 6.67
CA ILE E 2 -32.05 12.84 5.53
C ILE E 2 -30.91 12.93 4.50
N VAL E 3 -31.23 12.55 3.27
CA VAL E 3 -30.24 12.60 2.19
C VAL E 3 -30.63 13.65 1.15
N LEU E 4 -29.72 14.58 0.90
CA LEU E 4 -29.83 15.49 -0.23
C LEU E 4 -28.80 15.10 -1.30
N PHE E 5 -29.33 14.70 -2.46
CA PHE E 5 -28.54 14.26 -3.63
C PHE E 5 -28.56 15.36 -4.71
N VAL E 6 -27.39 15.69 -5.23
CA VAL E 6 -27.26 16.67 -6.32
C VAL E 6 -26.77 16.01 -7.64
N ASP E 7 -27.47 16.25 -8.75
CA ASP E 7 -27.12 15.72 -10.07
C ASP E 7 -27.02 16.92 -11.03
N PHE E 8 -25.83 17.21 -11.55
CA PHE E 8 -25.65 18.38 -12.43
C PHE E 8 -26.36 18.10 -13.75
N ASP E 9 -27.08 19.09 -14.29
CA ASP E 9 -27.91 18.85 -15.49
C ASP E 9 -27.08 18.75 -16.78
N TYR E 10 -27.42 17.75 -17.61
CA TYR E 10 -26.72 17.48 -18.88
C TYR E 10 -25.25 17.96 -18.83
N PHE E 11 -24.48 17.43 -17.88
CA PHE E 11 -23.30 18.18 -17.40
C PHE E 11 -22.26 18.66 -18.47
N TYR E 12 -21.65 17.74 -19.21
CA TYR E 12 -20.63 18.13 -20.18
C TYR E 12 -21.16 19.17 -21.14
N ALA E 13 -22.40 19.00 -21.60
CA ALA E 13 -22.95 19.92 -22.59
C ALA E 13 -23.21 21.32 -22.01
N GLN E 14 -23.66 21.34 -20.75
CA GLN E 14 -23.91 22.59 -20.04
C GLN E 14 -22.61 23.34 -19.76
N VAL E 15 -21.53 22.65 -19.40
CA VAL E 15 -20.24 23.33 -19.24
C VAL E 15 -19.85 23.99 -20.57
N GLU E 16 -20.02 23.29 -21.67
CA GLU E 16 -19.76 23.88 -22.99
C GLU E 16 -20.58 25.17 -23.23
N GLU E 17 -21.84 25.17 -22.80
CA GLU E 17 -22.75 26.32 -22.92
C GLU E 17 -22.27 27.45 -22.03
N VAL E 18 -21.80 27.12 -20.84
CA VAL E 18 -21.32 28.14 -19.91
C VAL E 18 -20.07 28.87 -20.45
N LEU E 19 -19.22 28.11 -21.13
CA LEU E 19 -17.99 28.61 -21.74
C LEU E 19 -18.20 29.19 -23.15
N ASN E 20 -19.36 28.90 -23.75
CA ASN E 20 -19.75 29.52 -25.02
C ASN E 20 -21.28 29.75 -25.01
N PRO E 21 -21.71 30.84 -24.35
CA PRO E 21 -23.13 31.12 -24.11
C PRO E 21 -24.01 31.26 -25.35
N SER E 22 -23.39 31.50 -26.52
CA SER E 22 -24.08 31.45 -27.81
C SER E 22 -24.61 30.07 -28.21
N LEU E 23 -24.19 29.02 -27.50
CA LEU E 23 -24.73 27.67 -27.73
C LEU E 23 -26.09 27.43 -27.09
N LYS E 24 -26.45 28.24 -26.09
CA LYS E 24 -27.74 28.12 -25.41
C LYS E 24 -28.90 28.20 -26.41
N GLY E 25 -29.86 27.29 -26.28
CA GLY E 25 -31.00 27.22 -27.20
C GLY E 25 -30.76 26.34 -28.41
N LYS E 26 -29.51 26.00 -28.69
CA LYS E 26 -29.16 25.10 -29.82
C LYS E 26 -28.95 23.71 -29.27
N PRO E 27 -29.19 22.67 -30.09
CA PRO E 27 -28.72 21.32 -29.79
C PRO E 27 -27.19 21.23 -29.76
N VAL E 28 -26.68 20.67 -28.69
CA VAL E 28 -25.24 20.60 -28.46
C VAL E 28 -25.00 19.15 -28.11
N VAL E 29 -24.07 18.53 -28.86
CA VAL E 29 -23.72 17.11 -28.74
C VAL E 29 -22.24 16.97 -28.39
N VAL E 30 -21.96 16.38 -27.23
CA VAL E 30 -20.60 16.10 -26.78
C VAL E 30 -20.18 14.68 -27.17
N CYS E 31 -19.12 14.61 -27.97
CA CYS E 31 -18.74 13.42 -28.70
C CYS E 31 -17.38 12.89 -28.29
N VAL E 32 -17.27 11.56 -28.29
CA VAL E 32 -15.97 10.91 -28.20
C VAL E 32 -15.62 10.40 -29.58
N PHE E 33 -14.82 11.18 -30.31
CA PHE E 33 -14.37 10.85 -31.69
C PHE E 33 -13.24 9.83 -31.61
N SER E 34 -13.35 8.73 -32.35
CA SER E 34 -12.42 7.60 -32.16
C SER E 34 -11.32 7.48 -33.25
N GLY E 35 -11.49 8.20 -34.36
CA GLY E 35 -10.47 8.39 -35.40
C GLY E 35 -10.16 7.21 -36.32
N ARG E 36 -11.16 6.39 -36.57
CA ARG E 36 -11.00 5.22 -37.45
C ARG E 36 -11.59 5.51 -38.82
N PHE E 37 -12.63 6.34 -38.83
CA PHE E 37 -13.18 6.92 -40.06
C PHE E 37 -13.88 8.24 -39.73
N GLU E 38 -14.33 8.95 -40.78
CA GLU E 38 -15.03 10.23 -40.63
C GLU E 38 -16.22 10.06 -39.67
N ASP E 39 -16.12 10.73 -38.53
CA ASP E 39 -17.18 10.75 -37.50
C ASP E 39 -17.40 9.44 -36.74
N SER E 40 -16.38 8.57 -36.68
CA SER E 40 -16.50 7.34 -35.89
C SER E 40 -16.43 7.70 -34.40
N GLY E 41 -17.07 6.89 -33.57
CA GLY E 41 -17.17 7.21 -32.16
C GLY E 41 -18.60 7.29 -31.68
N ALA E 42 -18.76 7.76 -30.43
CA ALA E 42 -20.06 7.76 -29.77
C ALA E 42 -20.34 9.11 -29.08
N VAL E 43 -21.62 9.39 -28.87
CA VAL E 43 -22.05 10.58 -28.14
C VAL E 43 -21.84 10.31 -26.66
N ALA E 44 -21.14 11.21 -25.99
CA ALA E 44 -20.94 11.15 -24.55
C ALA E 44 -22.17 11.70 -23.83
N THR E 45 -22.66 12.86 -24.27
CA THR E 45 -23.93 13.37 -23.80
C THR E 45 -24.46 14.49 -24.71
N ALA E 46 -25.70 14.87 -24.54
CA ALA E 46 -26.28 15.91 -25.35
C ALA E 46 -27.20 16.75 -24.47
N ASN E 47 -27.43 18.01 -24.84
CA ASN E 47 -28.33 18.84 -24.07
C ASN E 47 -29.78 18.44 -24.36
N TYR E 48 -30.72 19.05 -23.66
CA TYR E 48 -32.11 18.66 -23.81
C TYR E 48 -32.72 19.02 -25.17
N GLU E 49 -32.13 20.00 -25.84
CA GLU E 49 -32.56 20.41 -27.15
C GLU E 49 -32.15 19.35 -28.19
N ALA E 50 -31.03 18.66 -27.95
CA ALA E 50 -30.65 17.51 -28.81
C ALA E 50 -31.42 16.25 -28.45
N ARG E 51 -31.65 16.03 -27.14
CA ARG E 51 -32.36 14.82 -26.68
C ARG E 51 -33.82 14.83 -27.12
N LYS E 52 -34.35 16.02 -27.31
CA LYS E 52 -35.73 16.20 -27.76
C LYS E 52 -35.97 15.42 -29.05
N PHE E 53 -34.94 15.30 -29.89
CA PHE E 53 -35.06 14.65 -31.21
C PHE E 53 -34.41 13.27 -31.30
N GLY E 54 -34.01 12.70 -30.15
CA GLY E 54 -33.49 11.36 -30.13
C GLY E 54 -31.97 11.24 -30.07
N VAL E 55 -31.29 12.38 -29.99
CA VAL E 55 -29.84 12.40 -29.92
C VAL E 55 -29.43 12.37 -28.46
N LYS E 56 -28.78 11.31 -28.03
CA LYS E 56 -28.54 11.08 -26.61
C LYS E 56 -27.25 10.29 -26.34
N ALA E 57 -26.80 10.32 -25.08
CA ALA E 57 -25.60 9.58 -24.65
C ALA E 57 -25.59 8.16 -25.21
N GLY E 58 -24.46 7.76 -25.78
CA GLY E 58 -24.30 6.36 -26.18
C GLY E 58 -24.57 6.03 -27.62
N ILE E 59 -25.22 6.92 -28.38
CA ILE E 59 -25.50 6.57 -29.77
C ILE E 59 -24.29 6.91 -30.65
N PRO E 60 -24.13 6.20 -31.78
CA PRO E 60 -23.01 6.54 -32.65
C PRO E 60 -23.10 7.96 -33.19
N ILE E 61 -21.95 8.57 -33.45
CA ILE E 61 -21.93 9.96 -33.93
C ILE E 61 -22.59 10.05 -35.29
N VAL E 62 -22.28 9.06 -36.13
CA VAL E 62 -22.85 8.95 -37.47
C VAL E 62 -24.39 8.98 -37.41
N GLU E 63 -24.97 8.31 -36.41
CA GLU E 63 -26.42 8.28 -36.26
C GLU E 63 -26.98 9.63 -35.78
N ALA E 64 -26.31 10.24 -34.80
CA ALA E 64 -26.66 11.56 -34.32
C ALA E 64 -26.76 12.56 -35.48
N LYS E 65 -25.78 12.52 -36.38
CA LYS E 65 -25.73 13.44 -37.50
C LYS E 65 -26.79 13.19 -38.58
N LYS E 66 -27.29 11.97 -38.69
CA LYS E 66 -28.44 11.69 -39.55
C LYS E 66 -29.75 12.31 -39.03
N ILE E 67 -29.84 12.47 -37.71
CA ILE E 67 -31.01 13.01 -37.05
C ILE E 67 -30.96 14.54 -36.98
N LEU E 68 -29.82 15.05 -36.53
CA LEU E 68 -29.58 16.49 -36.41
C LEU E 68 -28.26 16.86 -37.09
N PRO E 69 -28.26 16.91 -38.44
CA PRO E 69 -27.00 17.19 -39.18
C PRO E 69 -26.40 18.54 -38.85
N ASN E 70 -27.26 19.47 -38.41
CA ASN E 70 -26.89 20.88 -38.11
C ASN E 70 -26.77 21.24 -36.63
N ALA E 71 -26.83 20.26 -35.74
CA ALA E 71 -26.50 20.53 -34.32
C ALA E 71 -25.00 20.84 -34.15
N VAL E 72 -24.63 21.33 -32.96
CA VAL E 72 -23.23 21.61 -32.65
C VAL E 72 -22.61 20.36 -32.04
N TYR E 73 -21.59 19.85 -32.73
CA TYR E 73 -20.82 18.68 -32.33
C TYR E 73 -19.46 19.09 -31.75
N LEU E 74 -19.25 18.74 -30.48
CA LEU E 74 -18.07 19.20 -29.74
C LEU E 74 -17.30 18.02 -29.24
N PRO E 75 -15.95 18.05 -29.35
CA PRO E 75 -15.15 16.96 -28.79
C PRO E 75 -15.20 17.02 -27.28
N MET E 76 -15.16 15.86 -26.68
CA MET E 76 -15.17 15.75 -25.25
C MET E 76 -13.89 16.37 -24.70
N ARG E 77 -14.02 17.16 -23.64
CA ARG E 77 -12.92 17.85 -22.96
C ARG E 77 -13.03 17.54 -21.47
N LYS E 78 -12.88 16.27 -21.15
CA LYS E 78 -13.01 15.73 -19.80
C LYS E 78 -12.31 16.57 -18.72
N GLU E 79 -11.12 17.07 -19.04
CA GLU E 79 -10.27 17.82 -18.11
C GLU E 79 -10.93 19.12 -17.66
N VAL E 80 -11.51 19.84 -18.63
CA VAL E 80 -12.33 21.02 -18.39
C VAL E 80 -13.54 20.70 -17.50
N TYR E 81 -14.30 19.64 -17.83
CA TYR E 81 -15.50 19.30 -17.04
C TYR E 81 -15.13 18.86 -15.60
N GLN E 82 -14.02 18.13 -15.47
CA GLN E 82 -13.47 17.74 -14.16
C GLN E 82 -13.13 18.95 -13.25
N GLN E 83 -12.48 19.98 -13.81
CA GLN E 83 -12.18 21.21 -13.04
C GLN E 83 -13.44 21.96 -12.60
N VAL E 84 -14.44 22.11 -13.48
CA VAL E 84 -15.72 22.70 -13.09
C VAL E 84 -16.38 21.89 -11.96
N SER E 85 -16.46 20.57 -12.15
CA SER E 85 -17.00 19.62 -11.18
C SER E 85 -16.35 19.77 -9.81
N SER E 86 -15.02 19.74 -9.79
CA SER E 86 -14.24 19.90 -8.57
C SER E 86 -14.62 21.16 -7.80
N ARG E 87 -14.76 22.27 -8.50
CA ARG E 87 -15.19 23.54 -7.92
C ARG E 87 -16.60 23.47 -7.32
N ILE E 88 -17.54 22.90 -8.06
CA ILE E 88 -18.90 22.71 -7.56
C ILE E 88 -18.97 21.70 -6.40
N MET E 89 -18.19 20.62 -6.47
CA MET E 89 -18.08 19.72 -5.31
C MET E 89 -17.57 20.46 -4.05
N ASN E 90 -16.66 21.41 -4.24
CA ASN E 90 -16.16 22.22 -3.12
C ASN E 90 -17.23 23.16 -2.55
N LEU E 91 -18.08 23.70 -3.41
CA LEU E 91 -19.25 24.43 -2.93
C LEU E 91 -20.12 23.58 -2.05
N LEU E 92 -20.28 22.30 -2.39
CA LEU E 92 -21.23 21.43 -1.68
C LEU E 92 -20.74 21.06 -0.27
N ARG E 93 -19.42 21.02 -0.09
CA ARG E 93 -18.78 20.79 1.20
C ARG E 93 -19.19 21.80 2.30
N GLU E 94 -19.59 23.00 1.91
CA GLU E 94 -20.08 24.01 2.87
C GLU E 94 -21.39 23.58 3.57
N TYR E 95 -22.09 22.62 2.98
CA TYR E 95 -23.43 22.25 3.43
C TYR E 95 -23.48 20.95 4.20
N SER E 96 -22.37 20.20 4.23
CA SER E 96 -22.30 18.97 5.01
C SER E 96 -20.88 18.39 5.15
N GLU E 97 -20.64 17.77 6.30
CA GLU E 97 -19.39 17.05 6.52
C GLU E 97 -19.45 15.76 5.72
N LYS E 98 -20.62 15.13 5.74
CA LYS E 98 -20.82 13.81 5.15
C LYS E 98 -21.31 13.97 3.72
N ILE E 99 -20.36 13.85 2.81
CA ILE E 99 -20.62 13.99 1.37
C ILE E 99 -20.00 12.82 0.63
N GLU E 100 -20.81 12.12 -0.16
CA GLU E 100 -20.33 11.04 -1.03
C GLU E 100 -20.39 11.48 -2.49
N ILE E 101 -19.21 11.70 -3.08
CA ILE E 101 -19.10 12.05 -4.49
C ILE E 101 -19.17 10.76 -5.32
N ALA E 102 -20.34 10.50 -5.88
CA ALA E 102 -20.59 9.26 -6.65
C ALA E 102 -19.94 9.27 -8.05
N SER E 103 -19.71 10.45 -8.61
CA SER E 103 -19.18 10.55 -9.99
C SER E 103 -18.87 12.00 -10.28
N ILE E 104 -18.54 12.30 -11.53
CA ILE E 104 -18.20 13.67 -11.91
C ILE E 104 -19.34 14.68 -11.67
N ASP E 105 -20.57 14.18 -11.61
CA ASP E 105 -21.69 15.09 -11.55
C ASP E 105 -22.78 14.69 -10.57
N GLU E 106 -22.41 13.86 -9.60
CA GLU E 106 -23.33 13.34 -8.60
C GLU E 106 -22.68 13.36 -7.23
N ALA E 107 -23.43 13.82 -6.24
CA ALA E 107 -22.95 13.83 -4.86
C ALA E 107 -24.12 13.63 -3.92
N TYR E 108 -23.91 12.77 -2.92
CA TYR E 108 -24.89 12.59 -1.84
C TYR E 108 -24.37 13.33 -0.60
N LEU E 109 -25.28 14.11 -0.01
CA LEU E 109 -25.02 14.80 1.25
C LEU E 109 -25.96 14.29 2.34
N ASP E 110 -25.38 13.77 3.43
CA ASP E 110 -26.17 13.41 4.62
C ASP E 110 -26.40 14.71 5.36
N ILE E 111 -27.61 15.24 5.29
CA ILE E 111 -27.94 16.50 5.96
C ILE E 111 -28.80 16.31 7.23
N SER E 112 -28.72 15.13 7.83
CA SER E 112 -29.48 14.79 9.05
C SER E 112 -29.24 15.74 10.24
N ASP E 113 -27.98 16.18 10.42
CA ASP E 113 -27.61 17.07 11.53
C ASP E 113 -27.64 18.54 11.15
N LYS E 114 -28.11 18.88 9.93
CA LYS E 114 -28.14 20.27 9.47
C LYS E 114 -29.57 20.77 9.29
N VAL E 115 -30.51 19.84 9.07
CA VAL E 115 -31.94 20.16 8.95
C VAL E 115 -32.76 19.25 9.89
N ARG E 116 -33.91 19.76 10.34
CA ARG E 116 -34.80 19.04 11.25
C ARG E 116 -35.85 18.24 10.48
N ASP E 117 -36.39 18.83 9.42
CA ASP E 117 -37.44 18.20 8.63
C ASP E 117 -37.25 18.37 7.10
N TYR E 118 -38.22 17.82 6.34
CA TYR E 118 -38.25 17.90 4.87
C TYR E 118 -38.46 19.28 4.26
N ARG E 119 -39.13 20.17 4.98
CA ARG E 119 -39.26 21.57 4.55
C ARG E 119 -37.91 22.28 4.59
N GLU E 120 -37.23 22.19 5.73
CA GLU E 120 -35.92 22.80 5.89
C GLU E 120 -34.91 22.21 4.89
N ALA E 121 -35.09 20.92 4.58
CA ALA E 121 -34.28 20.20 3.59
C ALA E 121 -34.52 20.79 2.19
N TYR E 122 -35.79 20.96 1.83
CA TYR E 122 -36.20 21.65 0.59
C TYR E 122 -35.60 23.07 0.47
N ASN E 123 -35.64 23.84 1.55
CA ASN E 123 -35.05 25.17 1.53
C ASN E 123 -33.53 25.12 1.35
N LEU E 124 -32.90 24.14 1.99
CA LEU E 124 -31.47 23.93 1.85
C LEU E 124 -31.12 23.55 0.39
N GLY E 125 -31.93 22.69 -0.22
CA GLY E 125 -31.80 22.36 -1.65
C GLY E 125 -31.84 23.56 -2.57
N LEU E 126 -32.79 24.47 -2.35
CA LEU E 126 -32.88 25.74 -3.10
C LEU E 126 -31.66 26.64 -2.89
N GLU E 127 -31.22 26.77 -1.64
CA GLU E 127 -29.99 27.49 -1.28
C GLU E 127 -28.82 26.93 -2.11
N ILE E 128 -28.71 25.59 -2.14
CA ILE E 128 -27.66 24.87 -2.85
C ILE E 128 -27.70 25.18 -4.35
N LYS E 129 -28.89 25.06 -4.92
CA LYS E 129 -29.15 25.39 -6.30
C LYS E 129 -28.80 26.84 -6.67
N ASN E 130 -29.22 27.79 -5.83
CA ASN E 130 -28.90 29.20 -5.99
C ASN E 130 -27.40 29.47 -5.89
N LYS E 131 -26.74 28.85 -4.92
CA LYS E 131 -25.29 28.96 -4.75
C LYS E 131 -24.49 28.51 -6.01
N ILE E 132 -24.80 27.33 -6.55
CA ILE E 132 -24.07 26.81 -7.71
C ILE E 132 -24.32 27.71 -8.93
N LEU E 133 -25.56 28.16 -9.06
CA LEU E 133 -25.96 29.06 -10.15
C LEU E 133 -25.20 30.37 -10.05
N GLU E 134 -25.17 30.96 -8.86
CA GLU E 134 -24.44 32.21 -8.69
C GLU E 134 -22.94 32.12 -8.92
N LYS E 135 -22.31 31.03 -8.49
CA LYS E 135 -20.84 30.90 -8.58
C LYS E 135 -20.38 30.41 -9.93
N GLU E 136 -21.10 29.43 -10.48
CA GLU E 136 -20.64 28.70 -11.65
C GLU E 136 -21.61 28.78 -12.82
N LYS E 137 -22.79 29.34 -12.60
CA LYS E 137 -23.83 29.44 -13.64
C LYS E 137 -24.30 28.07 -14.15
N ILE E 138 -24.35 27.09 -13.27
CA ILE E 138 -24.70 25.72 -13.62
C ILE E 138 -25.99 25.35 -12.89
N THR E 139 -26.97 24.83 -13.62
CA THR E 139 -28.20 24.34 -13.00
C THR E 139 -28.03 22.86 -12.63
N VAL E 140 -28.64 22.44 -11.53
CA VAL E 140 -28.51 21.08 -11.04
C VAL E 140 -29.88 20.67 -10.58
N THR E 141 -30.11 19.38 -10.44
CA THR E 141 -31.33 18.88 -9.89
C THR E 141 -31.08 18.30 -8.50
N VAL E 142 -31.93 18.66 -7.52
CA VAL E 142 -31.81 18.17 -6.16
C VAL E 142 -32.90 17.11 -5.89
N GLY E 143 -32.49 15.99 -5.31
CA GLY E 143 -33.43 14.98 -4.85
C GLY E 143 -33.21 14.83 -3.37
N ILE E 144 -34.31 14.87 -2.61
CA ILE E 144 -34.28 14.75 -1.15
C ILE E 144 -35.19 13.60 -0.71
N SER E 145 -34.68 12.72 0.16
CA SER E 145 -35.51 11.64 0.71
C SER E 145 -34.80 10.97 1.87
N LYS E 146 -35.27 9.77 2.22
CA LYS E 146 -34.87 9.11 3.46
C LYS E 146 -33.63 8.24 3.30
N ASN E 147 -33.29 7.91 2.06
CA ASN E 147 -32.05 7.24 1.76
C ASN E 147 -31.47 7.67 0.39
N LYS E 148 -30.30 7.12 0.06
CA LYS E 148 -29.59 7.50 -1.14
C LYS E 148 -30.35 7.09 -2.39
N VAL E 149 -30.94 5.90 -2.36
CA VAL E 149 -31.70 5.37 -3.51
C VAL E 149 -32.90 6.25 -3.88
N PHE E 150 -33.75 6.58 -2.91
CA PHE E 150 -34.93 7.39 -3.18
C PHE E 150 -34.61 8.85 -3.40
N ALA E 151 -33.48 9.32 -2.84
CA ALA E 151 -33.01 10.68 -3.15
C ALA E 151 -32.64 10.80 -4.64
N LYS E 152 -31.91 9.79 -5.15
CA LYS E 152 -31.57 9.68 -6.59
C LYS E 152 -32.82 9.58 -7.48
N ILE E 153 -33.77 8.70 -7.11
CA ILE E 153 -35.06 8.55 -7.80
C ILE E 153 -35.78 9.88 -7.88
N ALA E 154 -35.78 10.61 -6.76
CA ALA E 154 -36.32 11.97 -6.69
C ALA E 154 -35.70 12.92 -7.73
N ALA E 155 -34.38 12.86 -7.91
CA ALA E 155 -33.70 13.68 -8.92
C ALA E 155 -34.01 13.21 -10.33
N ASP E 156 -34.01 11.90 -10.56
CA ASP E 156 -34.42 11.35 -11.85
C ASP E 156 -35.80 11.88 -12.25
N MET E 157 -36.69 12.03 -11.28
CA MET E 157 -38.06 12.50 -11.57
C MET E 157 -38.15 14.00 -11.84
N ALA E 158 -37.34 14.79 -11.13
CA ALA E 158 -37.39 16.28 -11.20
C ALA E 158 -36.50 16.92 -12.32
N LYS E 159 -35.50 16.19 -12.79
CA LYS E 159 -34.55 16.74 -13.76
C LYS E 159 -35.13 17.04 -15.14
N PRO E 160 -34.64 18.10 -15.81
CA PRO E 160 -33.58 19.03 -15.43
C PRO E 160 -34.04 20.25 -14.60
N ASN E 161 -33.08 20.90 -13.94
CA ASN E 161 -33.33 22.09 -13.12
C ASN E 161 -34.56 21.94 -12.21
N GLY E 162 -34.53 20.92 -11.37
CA GLY E 162 -35.65 20.56 -10.53
C GLY E 162 -35.21 20.42 -9.11
N ILE E 163 -36.16 20.09 -8.24
CA ILE E 163 -35.89 19.85 -6.81
C ILE E 163 -37.11 19.13 -6.32
N LYS E 164 -36.89 17.99 -5.68
CA LYS E 164 -37.97 17.10 -5.30
C LYS E 164 -37.66 16.34 -4.01
N VAL E 165 -38.64 16.38 -3.09
CA VAL E 165 -38.63 15.60 -1.85
C VAL E 165 -39.53 14.39 -2.08
N ILE E 166 -39.07 13.20 -1.69
CA ILE E 166 -39.93 12.03 -1.57
C ILE E 166 -40.00 11.67 -0.09
N ASP E 167 -41.09 12.08 0.54
CA ASP E 167 -41.31 11.87 1.95
C ASP E 167 -41.61 10.40 2.24
N ASP E 168 -41.83 10.09 3.52
CA ASP E 168 -41.91 8.72 3.98
C ASP E 168 -43.11 7.99 3.43
N GLU E 169 -44.20 8.73 3.20
CA GLU E 169 -45.43 8.15 2.69
C GLU E 169 -45.37 7.95 1.17
N GLU E 170 -44.61 8.80 0.48
CA GLU E 170 -44.34 8.62 -0.96
C GLU E 170 -43.36 7.49 -1.26
N VAL E 171 -42.38 7.28 -0.37
CA VAL E 171 -41.55 6.08 -0.44
C VAL E 171 -42.42 4.83 -0.48
N LYS E 172 -43.38 4.74 0.45
CA LYS E 172 -44.34 3.63 0.53
C LYS E 172 -45.21 3.49 -0.74
N ARG E 173 -45.69 4.61 -1.27
CA ARG E 173 -46.44 4.59 -2.53
C ARG E 173 -45.60 4.01 -3.68
N LEU E 174 -44.35 4.45 -3.78
CA LEU E 174 -43.44 4.04 -4.87
C LEU E 174 -43.01 2.57 -4.79
N ILE E 175 -42.88 2.05 -3.56
CA ILE E 175 -42.61 0.63 -3.36
C ILE E 175 -43.65 -0.22 -4.07
N ARG E 176 -44.87 0.33 -4.24
CA ARG E 176 -45.96 -0.35 -4.93
C ARG E 176 -46.15 0.14 -6.38
N GLU E 177 -45.98 1.43 -6.61
CA GLU E 177 -46.30 2.01 -7.92
C GLU E 177 -45.12 2.24 -8.88
N LEU E 178 -43.91 2.46 -8.36
CA LEU E 178 -42.77 2.71 -9.24
C LEU E 178 -42.37 1.44 -10.01
N ASP E 179 -42.28 1.57 -11.33
CA ASP E 179 -41.71 0.54 -12.20
C ASP E 179 -40.31 0.21 -11.70
N ILE E 180 -40.01 -1.08 -11.58
CA ILE E 180 -38.78 -1.50 -10.93
C ILE E 180 -37.53 -1.24 -11.82
N ALA E 181 -37.75 -1.11 -13.13
CA ALA E 181 -36.67 -0.70 -14.03
C ALA E 181 -36.13 0.69 -13.67
N ASP E 182 -36.93 1.54 -13.03
CA ASP E 182 -36.43 2.87 -12.61
C ASP E 182 -35.67 2.90 -11.29
N VAL E 183 -35.48 1.75 -10.67
CA VAL E 183 -34.66 1.68 -9.46
C VAL E 183 -33.18 1.73 -9.86
N PRO E 184 -32.39 2.61 -9.24
CA PRO E 184 -30.95 2.65 -9.52
C PRO E 184 -30.31 1.25 -9.38
N GLY E 185 -29.54 0.84 -10.39
CA GLY E 185 -28.87 -0.46 -10.36
C GLY E 185 -29.60 -1.55 -11.11
N ILE E 186 -30.79 -1.25 -11.58
CA ILE E 186 -31.55 -2.14 -12.44
C ILE E 186 -31.52 -1.57 -13.89
N GLY E 187 -30.67 -2.17 -14.71
CA GLY E 187 -30.49 -1.81 -16.13
C GLY E 187 -31.35 -2.73 -16.95
N ASN E 188 -31.09 -2.81 -18.25
CA ASN E 188 -31.90 -3.62 -19.18
C ASN E 188 -31.90 -5.11 -18.87
N ILE E 189 -30.73 -5.68 -18.58
CA ILE E 189 -30.58 -7.11 -18.34
C ILE E 189 -31.30 -7.55 -17.06
N THR E 190 -31.15 -6.81 -15.96
CA THR E 190 -31.81 -7.16 -14.72
C THR E 190 -33.33 -6.92 -14.84
N ALA E 191 -33.73 -5.81 -15.47
CA ALA E 191 -35.13 -5.45 -15.64
C ALA E 191 -35.91 -6.55 -16.36
N GLU E 192 -35.31 -7.03 -17.45
CA GLU E 192 -35.85 -8.13 -18.25
C GLU E 192 -35.91 -9.43 -17.42
N LYS E 193 -34.82 -9.75 -16.71
CA LYS E 193 -34.82 -10.90 -15.77
C LYS E 193 -35.92 -10.82 -14.70
N LEU E 194 -36.24 -9.62 -14.26
CA LEU E 194 -37.28 -9.40 -13.27
C LEU E 194 -38.71 -9.51 -13.86
N LYS E 195 -38.86 -9.10 -15.12
CA LYS E 195 -40.12 -9.21 -15.85
C LYS E 195 -40.50 -10.69 -16.09
N LYS E 196 -39.51 -11.51 -16.43
CA LYS E 196 -39.67 -12.95 -16.61
C LYS E 196 -39.96 -13.72 -15.32
N LEU E 197 -40.04 -13.01 -14.21
CA LEU E 197 -40.56 -13.55 -12.95
C LEU E 197 -41.84 -12.84 -12.54
N GLY E 198 -42.31 -11.94 -13.39
CA GLY E 198 -43.52 -11.17 -13.12
C GLY E 198 -43.36 -10.02 -12.15
N ILE E 199 -42.12 -9.69 -11.82
CA ILE E 199 -41.78 -8.60 -10.90
C ILE E 199 -41.71 -7.30 -11.67
N ASN E 200 -42.61 -6.37 -11.37
CA ASN E 200 -42.72 -5.09 -12.07
C ASN E 200 -42.49 -3.94 -11.12
N LYS E 201 -42.68 -4.23 -9.83
CA LYS E 201 -42.63 -3.24 -8.77
C LYS E 201 -41.80 -3.82 -7.64
N LEU E 202 -41.19 -2.93 -6.86
CA LEU E 202 -40.44 -3.37 -5.68
C LEU E 202 -41.27 -4.32 -4.83
N VAL E 203 -42.53 -3.97 -4.57
CA VAL E 203 -43.34 -4.76 -3.62
C VAL E 203 -43.39 -6.25 -4.00
N ASP E 204 -43.35 -6.52 -5.32
CA ASP E 204 -43.36 -7.89 -5.85
C ASP E 204 -42.19 -8.78 -5.40
N THR E 205 -41.08 -8.18 -4.95
CA THR E 205 -39.95 -8.98 -4.45
C THR E 205 -40.24 -9.70 -3.11
N LEU E 206 -41.31 -9.31 -2.43
CA LEU E 206 -41.58 -9.85 -1.09
C LEU E 206 -42.40 -11.14 -1.10
N SER E 207 -42.98 -11.48 -2.25
CA SER E 207 -43.77 -12.70 -2.37
C SER E 207 -43.02 -13.86 -3.06
N ILE E 208 -42.08 -13.55 -3.95
CA ILE E 208 -41.24 -14.59 -4.57
C ILE E 208 -40.35 -15.29 -3.53
N GLU E 209 -40.04 -16.56 -3.78
CA GLU E 209 -39.08 -17.28 -2.97
C GLU E 209 -37.69 -16.63 -3.14
N PHE E 210 -37.02 -16.35 -2.03
CA PHE E 210 -35.71 -15.67 -2.07
C PHE E 210 -34.71 -16.37 -3.00
N ASP E 211 -34.54 -17.69 -2.82
CA ASP E 211 -33.61 -18.47 -3.64
C ASP E 211 -33.88 -18.35 -5.13
N LYS E 212 -35.16 -18.25 -5.48
CA LYS E 212 -35.61 -18.05 -6.87
C LYS E 212 -35.16 -16.68 -7.40
N LEU E 213 -35.37 -15.64 -6.59
CA LEU E 213 -34.97 -14.28 -6.92
C LEU E 213 -33.44 -14.20 -7.01
N LYS E 214 -32.77 -14.75 -5.98
CA LYS E 214 -31.30 -14.84 -5.92
C LYS E 214 -30.73 -15.64 -7.09
N GLY E 215 -31.42 -16.72 -7.46
CA GLY E 215 -31.02 -17.56 -8.59
C GLY E 215 -30.93 -16.78 -9.90
N MET E 216 -31.90 -15.90 -10.12
CA MET E 216 -32.01 -15.14 -11.37
C MET E 216 -31.13 -13.91 -11.45
N ILE E 217 -31.12 -13.10 -10.38
CA ILE E 217 -30.41 -11.81 -10.41
C ILE E 217 -29.17 -11.70 -9.49
N GLY E 218 -28.95 -12.74 -8.69
CA GLY E 218 -27.82 -12.72 -7.76
C GLY E 218 -28.23 -12.33 -6.34
N GLU E 219 -27.45 -12.80 -5.37
CA GLU E 219 -27.69 -12.56 -3.95
C GLU E 219 -27.76 -11.09 -3.55
N ALA E 220 -26.77 -10.30 -3.96
CA ALA E 220 -26.70 -8.89 -3.58
C ALA E 220 -27.84 -8.06 -4.16
N LYS E 221 -28.11 -8.19 -5.46
CA LYS E 221 -29.22 -7.45 -6.07
C LYS E 221 -30.57 -7.82 -5.45
N ALA E 222 -30.75 -9.11 -5.16
CA ALA E 222 -31.95 -9.61 -4.51
C ALA E 222 -32.14 -8.98 -3.13
N LYS E 223 -31.07 -9.02 -2.34
CA LYS E 223 -31.06 -8.46 -1.00
C LYS E 223 -31.26 -6.95 -1.00
N TYR E 224 -30.63 -6.29 -1.96
CA TYR E 224 -30.80 -4.87 -2.21
C TYR E 224 -32.28 -4.53 -2.46
N LEU E 225 -32.89 -5.21 -3.43
CA LEU E 225 -34.25 -4.88 -3.85
C LEU E 225 -35.22 -5.19 -2.74
N ILE E 226 -34.98 -6.27 -2.01
CA ILE E 226 -35.82 -6.67 -0.88
C ILE E 226 -35.77 -5.68 0.28
N SER E 227 -34.56 -5.25 0.65
CA SER E 227 -34.40 -4.22 1.69
C SER E 227 -35.10 -2.90 1.35
N LEU E 228 -35.07 -2.55 0.07
CA LEU E 228 -35.82 -1.39 -0.48
C LEU E 228 -37.33 -1.57 -0.38
N ALA E 229 -37.81 -2.74 -0.79
CA ALA E 229 -39.21 -3.11 -0.70
C ALA E 229 -39.72 -3.14 0.75
N ARG E 230 -38.84 -3.57 1.67
CA ARG E 230 -39.17 -3.55 3.10
C ARG E 230 -39.03 -2.18 3.75
N ASP E 231 -38.59 -1.18 2.99
CA ASP E 231 -38.37 0.14 3.55
C ASP E 231 -37.27 0.08 4.65
N GLU E 232 -36.23 -0.73 4.40
CA GLU E 232 -35.18 -0.95 5.37
C GLU E 232 -33.80 -0.60 4.81
N TYR E 233 -33.74 -0.02 3.62
CA TYR E 233 -32.46 0.40 3.06
C TYR E 233 -32.00 1.69 3.75
N ASN E 234 -30.74 1.70 4.18
CA ASN E 234 -30.14 2.94 4.69
C ASN E 234 -28.59 2.97 4.64
N GLU E 235 -28.04 2.60 3.50
CA GLU E 235 -26.60 2.69 3.30
C GLU E 235 -26.10 4.07 3.67
N PRO E 236 -25.00 4.13 4.44
CA PRO E 236 -24.38 5.38 4.85
C PRO E 236 -23.76 6.16 3.70
N ILE E 237 -23.75 7.49 3.87
CA ILE E 237 -22.99 8.37 3.00
C ILE E 237 -21.52 8.28 3.42
N ARG E 238 -20.65 7.86 2.49
CA ARG E 238 -19.25 7.79 2.85
C ARG E 238 -18.33 8.38 1.79
N THR E 239 -17.25 8.97 2.27
CA THR E 239 -16.24 9.52 1.39
C THR E 239 -15.79 8.39 0.50
N ARG E 240 -15.89 8.59 -0.80
CA ARG E 240 -15.40 7.58 -1.71
C ARG E 240 -13.90 7.74 -1.86
N VAL E 241 -13.21 6.62 -1.89
CA VAL E 241 -11.77 6.60 -2.07
C VAL E 241 -11.57 5.91 -3.41
N ARG E 242 -10.89 6.57 -4.35
CA ARG E 242 -10.61 5.90 -5.61
C ARG E 242 -9.89 4.59 -5.35
N LYS E 243 -10.42 3.52 -5.91
CA LYS E 243 -9.88 2.17 -5.75
C LYS E 243 -9.15 1.67 -7.00
N SER E 244 -9.37 2.33 -8.14
CA SER E 244 -8.61 1.99 -9.35
C SER E 244 -8.50 3.15 -10.30
N ILE E 245 -7.47 3.11 -11.13
CA ILE E 245 -7.18 4.18 -12.06
C ILE E 245 -6.59 3.53 -13.30
N GLY E 246 -7.17 3.81 -14.46
CA GLY E 246 -6.73 3.17 -15.67
C GLY E 246 -7.02 4.01 -16.89
N ARG E 247 -6.67 3.44 -18.03
CA ARG E 247 -6.80 4.11 -19.29
C ARG E 247 -6.90 3.02 -20.35
N ILE E 248 -7.85 3.22 -21.25
CA ILE E 248 -8.11 2.32 -22.36
C ILE E 248 -8.17 3.18 -23.63
N VAL E 249 -7.57 2.69 -24.71
CA VAL E 249 -7.56 3.43 -25.98
C VAL E 249 -7.94 2.60 -27.22
N THR E 250 -8.74 3.22 -28.07
CA THR E 250 -9.03 2.65 -29.37
C THR E 250 -7.82 2.77 -30.28
N MET E 251 -7.38 1.63 -30.83
CA MET E 251 -6.33 1.61 -31.85
C MET E 251 -6.93 1.95 -33.21
N LYS E 252 -6.14 2.65 -34.04
CA LYS E 252 -6.56 3.08 -35.39
C LYS E 252 -7.10 1.93 -36.25
N ARG E 253 -6.49 0.75 -36.09
CA ARG E 253 -7.01 -0.49 -36.66
C ARG E 253 -6.87 -1.65 -35.68
N ASN E 254 -7.83 -2.59 -35.76
CA ASN E 254 -7.81 -3.83 -34.97
C ASN E 254 -6.59 -4.68 -35.31
N SER E 255 -6.07 -5.41 -34.34
CA SER E 255 -4.83 -6.17 -34.54
C SER E 255 -4.58 -7.24 -33.48
N ARG E 256 -3.76 -8.23 -33.84
CA ARG E 256 -3.17 -9.09 -32.82
C ARG E 256 -1.65 -9.24 -32.92
N ASN E 257 -1.01 -8.15 -33.32
CA ASN E 257 0.44 -8.06 -33.37
C ASN E 257 1.03 -7.33 -32.15
N LEU E 258 1.66 -8.10 -31.26
CA LEU E 258 2.32 -7.56 -30.09
C LEU E 258 2.97 -6.19 -30.34
N GLU E 259 3.92 -6.14 -31.30
CA GLU E 259 4.72 -4.94 -31.58
C GLU E 259 3.86 -3.75 -31.95
N GLU E 260 2.79 -4.03 -32.70
CA GLU E 260 1.84 -3.01 -33.13
C GLU E 260 0.91 -2.54 -32.00
N ILE E 261 0.62 -3.44 -31.06
CA ILE E 261 -0.24 -3.15 -29.90
C ILE E 261 0.54 -2.45 -28.78
N LYS E 262 1.82 -2.84 -28.64
CA LYS E 262 2.72 -2.28 -27.62
C LYS E 262 2.65 -0.76 -27.37
N PRO E 263 2.85 0.07 -28.42
CA PRO E 263 2.90 1.51 -28.15
C PRO E 263 1.64 2.03 -27.49
N TYR E 264 0.49 1.51 -27.94
CA TYR E 264 -0.81 1.85 -27.38
C TYR E 264 -0.87 1.50 -25.91
N LEU E 265 -0.40 0.29 -25.57
CA LEU E 265 -0.37 -0.19 -24.19
C LEU E 265 0.53 0.68 -23.32
N PHE E 266 1.69 1.04 -23.89
CA PHE E 266 2.66 1.87 -23.20
C PHE E 266 2.15 3.30 -22.96
N ARG E 267 1.45 3.85 -23.94
CA ARG E 267 0.79 5.15 -23.75
C ARG E 267 -0.24 5.06 -22.63
N ALA E 268 -0.98 3.95 -22.59
CA ALA E 268 -2.02 3.75 -21.57
C ALA E 268 -1.40 3.71 -20.17
N ILE E 269 -0.25 3.05 -20.06
CA ILE E 269 0.49 3.00 -18.81
C ILE E 269 0.96 4.39 -18.42
N GLU E 270 1.55 5.11 -19.35
CA GLU E 270 2.04 6.46 -19.07
C GLU E 270 0.93 7.36 -18.55
N GLU E 271 -0.21 7.38 -19.23
CA GLU E 271 -1.35 8.21 -18.80
C GLU E 271 -1.87 7.80 -17.42
N SER E 272 -1.95 6.50 -17.18
CA SER E 272 -2.40 5.95 -15.90
C SER E 272 -1.51 6.33 -14.72
N TYR E 273 -0.19 6.24 -14.91
CA TYR E 273 0.82 6.65 -13.90
C TYR E 273 0.78 8.11 -13.57
N TYR E 274 0.50 8.91 -14.58
CA TYR E 274 0.26 10.33 -14.38
C TYR E 274 -0.95 10.52 -13.45
N LYS E 275 -2.08 9.89 -13.80
CA LYS E 275 -3.32 10.00 -13.03
C LYS E 275 -3.19 9.44 -11.61
N LEU E 276 -2.36 8.41 -11.44
CA LEU E 276 -2.13 7.78 -10.12
C LEU E 276 -1.52 8.76 -9.13
N ASP E 277 -0.73 9.68 -9.65
CA ASP E 277 -0.01 10.70 -8.86
C ASP E 277 0.98 10.04 -7.89
N LYS E 278 0.71 10.15 -6.59
CA LYS E 278 1.59 9.59 -5.56
C LYS E 278 1.13 8.21 -5.09
N ARG E 279 -0.05 7.77 -5.56
CA ARG E 279 -0.59 6.45 -5.25
C ARG E 279 0.25 5.34 -5.90
N ILE E 280 0.44 4.24 -5.16
CA ILE E 280 1.29 3.15 -5.64
C ILE E 280 0.47 1.86 -5.68
N PRO E 281 0.26 1.30 -6.89
CA PRO E 281 -0.60 0.14 -7.02
C PRO E 281 0.13 -1.19 -6.83
N LYS E 282 -0.54 -2.17 -6.24
CA LYS E 282 0.02 -3.52 -6.11
C LYS E 282 -0.58 -4.48 -7.15
N ALA E 283 -1.67 -4.06 -7.80
CA ALA E 283 -2.30 -4.85 -8.85
C ALA E 283 -2.32 -4.12 -10.19
N ILE E 284 -2.27 -4.91 -11.25
CA ILE E 284 -2.28 -4.39 -12.61
C ILE E 284 -3.13 -5.35 -13.43
N HIS E 285 -4.01 -4.79 -14.25
CA HIS E 285 -4.76 -5.60 -15.21
C HIS E 285 -4.63 -4.96 -16.56
N VAL E 286 -4.31 -5.78 -17.55
CA VAL E 286 -4.37 -5.37 -18.95
C VAL E 286 -5.76 -5.74 -19.47
N VAL E 287 -6.42 -4.77 -20.10
CA VAL E 287 -7.76 -4.95 -20.57
C VAL E 287 -7.78 -4.79 -22.09
N ALA E 288 -8.28 -5.81 -22.76
CA ALA E 288 -8.50 -5.76 -24.19
C ALA E 288 -10.00 -5.79 -24.54
N VAL E 289 -10.43 -4.83 -25.35
CA VAL E 289 -11.74 -4.90 -25.98
C VAL E 289 -11.54 -5.50 -27.39
N THR E 290 -12.23 -6.61 -27.67
CA THR E 290 -12.04 -7.37 -28.91
C THR E 290 -12.86 -6.76 -30.05
N GLU E 291 -12.72 -7.31 -31.25
CA GLU E 291 -13.29 -6.71 -32.47
C GLU E 291 -14.81 -6.68 -32.49
N ASP E 292 -15.41 -7.67 -31.83
CA ASP E 292 -16.86 -7.75 -31.62
C ASP E 292 -17.29 -7.10 -30.28
N LEU E 293 -16.38 -6.31 -29.71
CA LEU E 293 -16.64 -5.45 -28.54
C LEU E 293 -16.75 -6.14 -27.18
N ASP E 294 -16.27 -7.38 -27.08
CA ASP E 294 -16.20 -8.06 -25.78
C ASP E 294 -14.98 -7.56 -25.00
N ILE E 295 -15.03 -7.68 -23.67
CA ILE E 295 -13.94 -7.27 -22.80
C ILE E 295 -13.25 -8.52 -22.25
N VAL E 296 -11.93 -8.61 -22.46
CA VAL E 296 -11.09 -9.70 -21.96
C VAL E 296 -9.93 -9.10 -21.19
N SER E 297 -9.74 -9.55 -19.94
CA SER E 297 -8.66 -9.03 -19.11
C SER E 297 -7.81 -10.10 -18.42
N ARG E 298 -6.53 -9.79 -18.22
CA ARG E 298 -5.58 -10.62 -17.50
C ARG E 298 -4.75 -9.69 -16.61
N GLY E 299 -4.59 -10.09 -15.35
CA GLY E 299 -3.94 -9.24 -14.38
C GLY E 299 -3.09 -10.00 -13.41
N ARG E 300 -2.44 -9.26 -12.52
CA ARG E 300 -1.58 -9.84 -11.51
C ARG E 300 -1.47 -8.90 -10.30
N THR E 301 -1.64 -9.47 -9.11
CA THR E 301 -1.35 -8.76 -7.88
C THR E 301 0.05 -9.12 -7.44
N PHE E 302 0.87 -8.09 -7.21
CA PHE E 302 2.23 -8.24 -6.71
C PHE E 302 2.20 -8.09 -5.19
N PRO E 303 3.15 -8.73 -4.47
CA PRO E 303 3.27 -8.57 -3.00
C PRO E 303 3.70 -7.17 -2.53
N HIS E 304 4.14 -6.33 -3.46
CA HIS E 304 4.59 -4.95 -3.19
C HIS E 304 4.14 -4.03 -4.34
N GLY E 305 4.32 -2.71 -4.14
CA GLY E 305 3.95 -1.69 -5.12
C GLY E 305 4.57 -1.88 -6.50
N ILE E 306 3.89 -1.42 -7.55
CA ILE E 306 4.36 -1.59 -8.93
C ILE E 306 5.01 -0.32 -9.46
N SER E 307 6.32 -0.38 -9.73
CA SER E 307 7.01 0.71 -10.43
C SER E 307 6.61 0.70 -11.90
N LYS E 308 6.83 1.81 -12.58
CA LYS E 308 6.42 1.95 -13.99
C LYS E 308 7.17 0.94 -14.86
N GLU E 309 8.44 0.74 -14.56
CA GLU E 309 9.31 -0.21 -15.24
C GLU E 309 8.71 -1.61 -15.14
N THR E 310 8.34 -2.00 -13.91
CA THR E 310 7.66 -3.28 -13.71
C THR E 310 6.30 -3.35 -14.43
N ALA E 311 5.56 -2.24 -14.45
CA ALA E 311 4.28 -2.15 -15.17
C ALA E 311 4.48 -2.40 -16.66
N TYR E 312 5.50 -1.77 -17.22
CA TYR E 312 5.86 -1.95 -18.62
C TYR E 312 6.08 -3.41 -19.02
N SER E 313 6.90 -4.13 -18.24
CA SER E 313 7.24 -5.51 -18.54
C SER E 313 6.13 -6.48 -18.18
N GLU E 314 5.52 -6.29 -17.01
CA GLU E 314 4.38 -7.12 -16.62
C GLU E 314 3.19 -6.99 -17.56
N SER E 315 2.97 -5.80 -18.12
CA SER E 315 1.82 -5.61 -19.02
C SER E 315 1.98 -6.40 -20.32
N VAL E 316 3.23 -6.57 -20.75
CA VAL E 316 3.53 -7.31 -21.99
C VAL E 316 3.21 -8.80 -21.81
N LYS E 317 3.56 -9.34 -20.64
CA LYS E 317 3.17 -10.69 -20.23
C LYS E 317 1.66 -10.88 -20.33
N LEU E 318 0.91 -10.05 -19.59
CA LEU E 318 -0.55 -10.12 -19.56
C LEU E 318 -1.19 -9.95 -20.92
N LEU E 319 -0.67 -9.05 -21.76
CA LEU E 319 -1.18 -8.92 -23.13
C LEU E 319 -0.98 -10.20 -23.94
N GLN E 320 0.22 -10.80 -23.86
CA GLN E 320 0.51 -12.06 -24.56
C GLN E 320 -0.45 -13.17 -24.14
N LYS E 321 -0.81 -13.18 -22.85
CA LYS E 321 -1.75 -14.14 -22.28
C LYS E 321 -3.12 -13.99 -22.96
N ILE E 322 -3.56 -12.76 -23.15
CA ILE E 322 -4.81 -12.44 -23.83
C ILE E 322 -4.82 -12.94 -25.29
N LEU E 323 -3.75 -12.62 -26.01
CA LEU E 323 -3.52 -13.04 -27.39
C LEU E 323 -3.47 -14.57 -27.52
N GLU E 324 -2.77 -15.19 -26.57
CA GLU E 324 -2.63 -16.63 -26.46
C GLU E 324 -3.95 -17.35 -26.17
N GLU E 325 -4.74 -16.78 -25.25
CA GLU E 325 -5.96 -17.41 -24.74
C GLU E 325 -7.25 -16.99 -25.47
N ASP E 326 -7.14 -16.03 -26.39
CA ASP E 326 -8.30 -15.53 -27.16
C ASP E 326 -7.90 -15.29 -28.62
N GLU E 327 -8.66 -15.91 -29.53
CA GLU E 327 -8.35 -15.91 -30.96
C GLU E 327 -8.71 -14.59 -31.65
N ARG E 328 -9.58 -13.81 -31.02
CA ARG E 328 -10.07 -12.55 -31.60
C ARG E 328 -9.03 -11.42 -31.71
N LYS E 329 -9.17 -10.63 -32.78
CA LYS E 329 -8.45 -9.36 -32.95
C LYS E 329 -8.87 -8.35 -31.86
N ILE E 330 -7.92 -7.50 -31.47
CA ILE E 330 -8.14 -6.53 -30.42
C ILE E 330 -8.45 -5.18 -31.07
N ARG E 331 -9.48 -4.53 -30.56
CA ARG E 331 -9.90 -3.22 -31.04
C ARG E 331 -9.41 -2.11 -30.08
N ARG E 332 -9.48 -2.42 -28.79
CA ARG E 332 -9.08 -1.48 -27.74
C ARG E 332 -8.15 -2.17 -26.76
N ILE E 333 -7.08 -1.47 -26.41
CA ILE E 333 -6.12 -1.98 -25.41
C ILE E 333 -6.00 -0.96 -24.27
N GLY E 334 -5.81 -1.48 -23.06
CA GLY E 334 -5.82 -0.66 -21.88
C GLY E 334 -5.21 -1.33 -20.67
N VAL E 335 -5.14 -0.56 -19.59
CA VAL E 335 -4.50 -1.00 -18.36
C VAL E 335 -5.29 -0.38 -17.22
N ARG E 336 -5.47 -1.11 -16.11
CA ARG E 336 -6.01 -0.55 -14.86
C ARG E 336 -5.11 -0.92 -13.69
N PHE E 337 -4.86 0.02 -12.80
CA PHE E 337 -4.05 -0.18 -11.63
C PHE E 337 -4.92 -0.06 -10.40
N SER E 338 -4.71 -0.98 -9.44
CA SER E 338 -5.55 -1.09 -8.24
C SER E 338 -4.74 -1.55 -7.03
N LYS E 339 -5.44 -1.80 -5.92
CA LYS E 339 -4.86 -2.23 -4.63
C LYS E 339 -3.73 -1.29 -4.19
N PHE E 340 -4.10 -0.04 -3.93
CA PHE E 340 -3.14 1.02 -3.64
C PHE E 340 -2.54 0.89 -2.26
N ILE E 341 -1.30 1.34 -2.14
CA ILE E 341 -0.61 1.39 -0.85
C ILE E 341 -1.16 2.50 0.05
N MET F 1 8.14 -2.99 35.72
CA MET F 1 8.91 -2.14 34.78
C MET F 1 8.02 -1.35 33.83
N ILE F 2 8.54 -0.21 33.39
CA ILE F 2 8.04 0.47 32.19
C ILE F 2 9.27 0.63 31.28
N VAL F 3 9.21 0.03 30.08
CA VAL F 3 10.35 0.09 29.14
C VAL F 3 10.03 1.02 27.97
N LEU F 4 10.98 1.89 27.63
CA LEU F 4 10.89 2.68 26.39
C LEU F 4 11.97 2.22 25.39
N PHE F 5 11.52 1.74 24.23
CA PHE F 5 12.44 1.27 23.21
C PHE F 5 12.45 2.24 22.01
N VAL F 6 13.66 2.57 21.54
CA VAL F 6 13.85 3.48 20.41
C VAL F 6 14.49 2.72 19.24
N ASP F 7 13.87 2.78 18.07
CA ASP F 7 14.42 2.21 16.83
C ASP F 7 14.46 3.32 15.79
N PHE F 8 15.66 3.62 15.27
CA PHE F 8 15.83 4.69 14.30
C PHE F 8 15.30 4.20 12.94
N ASP F 9 14.59 5.05 12.21
CA ASP F 9 13.95 4.63 10.97
C ASP F 9 14.95 4.52 9.83
N TYR F 10 14.96 3.38 9.14
CA TYR F 10 15.84 3.21 7.97
C TYR F 10 17.18 3.87 8.21
N PHE F 11 17.87 3.48 9.26
CA PHE F 11 19.00 4.28 9.77
C PHE F 11 20.05 4.74 8.76
N TYR F 12 20.68 3.82 8.02
CA TYR F 12 21.80 4.21 7.16
C TYR F 12 21.36 5.15 6.04
N ALA F 13 20.24 4.82 5.40
CA ALA F 13 19.62 5.68 4.36
C ALA F 13 19.28 7.07 4.92
N GLN F 14 18.62 7.13 6.07
CA GLN F 14 18.32 8.40 6.68
C GLN F 14 19.57 9.24 6.99
N VAL F 15 20.66 8.63 7.45
CA VAL F 15 21.94 9.34 7.66
C VAL F 15 22.52 9.89 6.35
N GLU F 16 22.38 9.15 5.26
CA GLU F 16 22.79 9.68 3.95
C GLU F 16 21.89 10.86 3.52
N GLU F 17 20.59 10.75 3.79
CA GLU F 17 19.64 11.88 3.62
C GLU F 17 19.97 13.09 4.47
N VAL F 18 20.59 12.90 5.63
CA VAL F 18 21.01 14.03 6.46
C VAL F 18 22.25 14.68 5.89
N LEU F 19 23.21 13.87 5.44
CA LEU F 19 24.47 14.41 4.95
C LEU F 19 24.34 15.04 3.54
N ASN F 20 23.22 14.76 2.89
CA ASN F 20 22.92 15.24 1.53
C ASN F 20 21.40 15.37 1.33
N PRO F 21 20.80 16.46 1.86
CA PRO F 21 19.33 16.66 1.90
C PRO F 21 18.59 16.66 0.54
N SER F 22 19.31 16.85 -0.56
CA SER F 22 18.70 16.77 -1.89
C SER F 22 18.14 15.37 -2.17
N LEU F 23 18.44 14.42 -1.27
CA LEU F 23 17.96 13.05 -1.40
C LEU F 23 16.57 12.83 -0.79
N LYS F 24 16.09 13.77 0.02
CA LYS F 24 14.78 13.61 0.68
C LYS F 24 13.63 13.51 -0.33
N GLY F 25 12.77 12.53 -0.15
CA GLY F 25 11.72 12.23 -1.13
C GLY F 25 12.12 11.25 -2.24
N LYS F 26 13.42 11.11 -2.47
CA LYS F 26 13.97 10.20 -3.50
C LYS F 26 14.17 8.79 -2.96
N PRO F 27 14.03 7.76 -3.82
CA PRO F 27 14.41 6.45 -3.34
C PRO F 27 15.92 6.35 -3.17
N VAL F 28 16.34 6.03 -1.94
CA VAL F 28 17.76 5.86 -1.57
C VAL F 28 18.04 4.41 -1.12
N VAL F 29 19.06 3.79 -1.72
CA VAL F 29 19.43 2.41 -1.41
C VAL F 29 20.89 2.34 -1.02
N VAL F 30 21.14 1.85 0.19
CA VAL F 30 22.51 1.71 0.69
C VAL F 30 22.98 0.28 0.46
N CYS F 31 24.09 0.18 -0.26
CA CYS F 31 24.57 -1.06 -0.82
C CYS F 31 25.90 -1.48 -0.25
N VAL F 32 26.07 -2.79 -0.13
CA VAL F 32 27.33 -3.38 0.23
C VAL F 32 27.84 -4.03 -1.05
N PHE F 33 28.75 -3.35 -1.72
CA PHE F 33 29.42 -3.88 -2.90
C PHE F 33 30.54 -4.85 -2.54
N SER F 34 30.55 -6.01 -3.19
CA SER F 34 31.47 -7.08 -2.84
C SER F 34 32.74 -7.19 -3.69
N GLY F 35 32.70 -6.63 -4.91
CA GLY F 35 33.89 -6.55 -5.77
C GLY F 35 34.11 -7.70 -6.75
N ARG F 36 33.10 -8.56 -6.91
CA ARG F 36 33.17 -9.71 -7.82
C ARG F 36 32.96 -9.31 -9.26
N PHE F 37 32.02 -8.38 -9.48
CA PHE F 37 31.68 -7.86 -10.81
C PHE F 37 30.88 -6.57 -10.72
N GLU F 38 30.13 -6.25 -11.77
CA GLU F 38 29.25 -5.07 -11.80
C GLU F 38 28.07 -5.27 -10.82
N ASP F 39 27.99 -4.40 -9.82
CA ASP F 39 26.86 -4.39 -8.87
C ASP F 39 26.68 -5.70 -8.08
N SER F 40 27.78 -6.39 -7.82
CA SER F 40 27.70 -7.55 -6.96
C SER F 40 27.61 -7.09 -5.51
N GLY F 41 26.62 -7.58 -4.78
CA GLY F 41 26.50 -7.39 -3.36
C GLY F 41 25.06 -7.44 -2.89
N ALA F 42 24.84 -7.01 -1.65
CA ALA F 42 23.48 -6.96 -1.13
C ALA F 42 23.10 -5.55 -0.74
N VAL F 43 21.79 -5.34 -0.61
CA VAL F 43 21.24 -4.11 -0.11
C VAL F 43 21.40 -4.11 1.40
N ALA F 44 22.03 -3.07 1.95
CA ALA F 44 22.13 -2.93 3.40
C ALA F 44 20.80 -2.44 3.93
N THR F 45 20.32 -1.34 3.34
CA THR F 45 18.98 -0.83 3.62
C THR F 45 18.46 0.14 2.56
N ALA F 46 17.17 0.46 2.64
CA ALA F 46 16.54 1.44 1.77
C ALA F 46 15.55 2.27 2.57
N ASN F 47 15.40 3.56 2.21
CA ASN F 47 14.38 4.41 2.83
C ASN F 47 12.96 4.00 2.44
N TYR F 48 11.96 4.68 3.01
CA TYR F 48 10.54 4.34 2.77
C TYR F 48 10.20 4.32 1.27
N GLU F 49 10.64 5.36 0.57
CA GLU F 49 10.40 5.50 -0.86
C GLU F 49 10.77 4.23 -1.64
N ALA F 50 11.96 3.68 -1.40
CA ALA F 50 12.42 2.50 -2.12
C ALA F 50 11.71 1.23 -1.65
N ARG F 51 11.41 1.16 -0.36
CA ARG F 51 10.74 -0.01 0.21
C ARG F 51 9.34 -0.21 -0.33
N LYS F 52 8.68 0.90 -0.69
CA LYS F 52 7.36 0.88 -1.35
C LYS F 52 7.40 -0.13 -2.48
N PHE F 53 8.42 0.03 -3.32
CA PHE F 53 8.59 -0.76 -4.51
C PHE F 53 9.32 -2.08 -4.28
N GLY F 54 9.45 -2.47 -3.01
CA GLY F 54 9.97 -3.77 -2.65
C GLY F 54 11.48 -3.88 -2.49
N VAL F 55 12.18 -2.74 -2.54
CA VAL F 55 13.63 -2.70 -2.30
C VAL F 55 13.91 -2.67 -0.79
N LYS F 56 14.50 -3.74 -0.29
CA LYS F 56 14.67 -3.97 1.14
C LYS F 56 16.02 -4.64 1.43
N ALA F 57 16.46 -4.58 2.69
CA ALA F 57 17.70 -5.25 3.14
C ALA F 57 17.72 -6.74 2.79
N GLY F 58 18.84 -7.21 2.25
CA GLY F 58 18.99 -8.64 1.94
C GLY F 58 18.96 -9.02 0.47
N ILE F 59 18.13 -8.32 -0.32
CA ILE F 59 17.98 -8.59 -1.76
C ILE F 59 19.24 -8.17 -2.51
N PRO F 60 19.58 -8.90 -3.60
CA PRO F 60 20.71 -8.50 -4.44
C PRO F 60 20.54 -7.10 -5.02
N ILE F 61 21.65 -6.39 -5.17
CA ILE F 61 21.67 -5.06 -5.77
C ILE F 61 21.20 -5.09 -7.23
N VAL F 62 21.43 -6.22 -7.89
CA VAL F 62 20.97 -6.48 -9.26
C VAL F 62 19.42 -6.48 -9.30
N GLU F 63 18.78 -7.26 -8.44
CA GLU F 63 17.32 -7.25 -8.32
C GLU F 63 16.79 -5.85 -7.99
N ALA F 64 17.49 -5.17 -7.06
CA ALA F 64 17.14 -3.80 -6.68
C ALA F 64 17.07 -2.87 -7.88
N LYS F 65 18.07 -2.94 -8.76
CA LYS F 65 18.17 -2.04 -9.92
C LYS F 65 17.15 -2.35 -11.02
N LYS F 66 16.69 -3.60 -11.07
CA LYS F 66 15.62 -4.03 -11.99
C LYS F 66 14.34 -3.29 -11.67
N ILE F 67 14.07 -3.13 -10.37
CA ILE F 67 12.87 -2.45 -9.91
C ILE F 67 13.03 -0.94 -10.09
N LEU F 68 14.13 -0.40 -9.58
CA LEU F 68 14.32 1.04 -9.56
C LEU F 68 15.70 1.43 -10.11
N PRO F 69 15.84 1.53 -11.44
CA PRO F 69 17.15 1.91 -11.98
C PRO F 69 17.57 3.37 -11.71
N ASN F 70 16.59 4.23 -11.38
CA ASN F 70 16.84 5.65 -11.15
C ASN F 70 16.75 6.05 -9.67
N ALA F 71 16.85 5.06 -8.77
CA ALA F 71 17.02 5.34 -7.35
C ALA F 71 18.46 5.77 -7.11
N VAL F 72 18.74 6.35 -5.94
CA VAL F 72 20.12 6.68 -5.62
C VAL F 72 20.74 5.48 -4.93
N TYR F 73 21.80 4.95 -5.55
CA TYR F 73 22.53 3.84 -5.01
C TYR F 73 23.82 4.33 -4.40
N LEU F 74 23.92 4.17 -3.07
CA LEU F 74 25.04 4.68 -2.30
C LEU F 74 25.81 3.53 -1.66
N PRO F 75 27.16 3.64 -1.63
CA PRO F 75 27.96 2.64 -0.93
C PRO F 75 27.87 2.81 0.58
N MET F 76 27.89 1.69 1.29
CA MET F 76 27.80 1.71 2.75
C MET F 76 29.00 2.41 3.39
N ARG F 77 28.71 3.28 4.36
CA ARG F 77 29.72 4.04 5.08
C ARG F 77 29.53 3.81 6.58
N LYS F 78 29.82 2.58 7.02
CA LYS F 78 29.54 2.15 8.39
C LYS F 78 30.10 3.10 9.44
N GLU F 79 31.33 3.53 9.26
CA GLU F 79 32.04 4.41 10.18
C GLU F 79 31.20 5.66 10.51
N VAL F 80 30.68 6.30 9.45
CA VAL F 80 29.88 7.50 9.54
C VAL F 80 28.62 7.22 10.36
N TYR F 81 27.93 6.13 10.03
CA TYR F 81 26.70 5.76 10.69
C TYR F 81 26.94 5.48 12.18
N GLN F 82 28.06 4.84 12.50
CA GLN F 82 28.41 4.53 13.90
C GLN F 82 28.58 5.78 14.75
N GLN F 83 29.26 6.77 14.20
CA GLN F 83 29.45 8.06 14.89
C GLN F 83 28.15 8.84 15.09
N VAL F 84 27.27 8.86 14.10
CA VAL F 84 25.94 9.48 14.27
C VAL F 84 25.10 8.73 15.31
N SER F 85 25.14 7.40 15.23
CA SER F 85 24.50 6.52 16.23
C SER F 85 24.97 6.86 17.65
N SER F 86 26.29 6.85 17.87
CA SER F 86 26.87 7.18 19.19
C SER F 86 26.32 8.46 19.82
N ARG F 87 26.21 9.52 19.03
CA ARG F 87 25.69 10.79 19.48
C ARG F 87 24.24 10.67 19.87
N ILE F 88 23.45 9.93 19.10
CA ILE F 88 22.05 9.71 19.44
C ILE F 88 21.93 8.89 20.74
N MET F 89 22.76 7.85 20.89
CA MET F 89 22.77 7.07 22.13
C MET F 89 23.07 7.95 23.37
N ASN F 90 24.01 8.90 23.22
CA ASN F 90 24.30 9.90 24.26
C ASN F 90 23.15 10.83 24.61
N LEU F 91 22.36 11.25 23.61
CA LEU F 91 21.11 11.99 23.84
C LEU F 91 20.13 11.18 24.70
N LEU F 92 20.04 9.88 24.41
CA LEU F 92 19.18 8.95 25.13
C LEU F 92 19.55 8.75 26.61
N ARG F 93 20.84 8.82 26.91
CA ARG F 93 21.35 8.63 28.27
C ARG F 93 20.83 9.69 29.25
N GLU F 94 20.43 10.84 28.69
CA GLU F 94 19.92 11.97 29.47
C GLU F 94 18.53 11.72 30.02
N TYR F 95 17.82 10.74 29.45
CA TYR F 95 16.45 10.42 29.82
C TYR F 95 16.34 9.20 30.72
N SER F 96 17.42 8.44 30.82
CA SER F 96 17.50 7.29 31.72
C SER F 96 18.94 6.77 31.84
N GLU F 97 19.33 6.43 33.06
CA GLU F 97 20.64 5.88 33.39
C GLU F 97 20.67 4.40 33.04
N LYS F 98 19.48 3.80 33.01
CA LYS F 98 19.30 2.39 32.66
C LYS F 98 19.05 2.25 31.16
N ILE F 99 20.13 2.10 30.39
CA ILE F 99 20.04 2.00 28.93
C ILE F 99 20.70 0.71 28.43
N GLU F 100 20.04 0.02 27.50
CA GLU F 100 20.61 -1.13 26.86
C GLU F 100 20.67 -0.87 25.36
N ILE F 101 21.89 -0.81 24.81
CA ILE F 101 22.10 -0.61 23.37
C ILE F 101 22.12 -1.98 22.70
N ALA F 102 21.10 -2.25 21.89
CA ALA F 102 20.89 -3.56 21.30
C ALA F 102 21.60 -3.73 19.95
N SER F 103 21.80 -2.61 19.26
CA SER F 103 22.43 -2.57 17.93
C SER F 103 22.75 -1.13 17.59
N ILE F 104 23.35 -0.93 16.43
CA ILE F 104 23.64 0.40 15.91
C ILE F 104 22.44 1.35 15.93
N ASP F 105 21.22 0.85 15.88
CA ASP F 105 20.08 1.75 15.78
C ASP F 105 18.90 1.42 16.69
N GLU F 106 19.18 0.78 17.82
CA GLU F 106 18.15 0.32 18.75
C GLU F 106 18.66 0.41 20.18
N ALA F 107 17.80 0.86 21.09
CA ALA F 107 18.17 0.96 22.50
C ALA F 107 16.95 0.85 23.38
N TYR F 108 17.07 0.10 24.48
CA TYR F 108 16.00 0.02 25.47
C TYR F 108 16.32 0.92 26.66
N LEU F 109 15.34 1.69 27.11
CA LEU F 109 15.47 2.51 28.31
C LEU F 109 14.52 1.98 29.37
N ASP F 110 15.05 1.64 30.52
CA ASP F 110 14.23 1.35 31.70
C ASP F 110 13.90 2.72 32.33
N ILE F 111 12.65 3.16 32.15
CA ILE F 111 12.19 4.46 32.61
C ILE F 111 11.18 4.35 33.80
N SER F 112 11.15 3.18 34.44
CA SER F 112 10.29 2.90 35.60
C SER F 112 10.36 3.96 36.72
N ASP F 113 11.57 4.49 36.95
CA ASP F 113 11.83 5.52 37.97
C ASP F 113 11.67 6.92 37.40
N LYS F 114 11.19 7.03 36.18
CA LYS F 114 11.17 8.34 35.51
C LYS F 114 9.75 8.77 35.19
N VAL F 115 8.86 7.79 35.14
CA VAL F 115 7.45 8.02 34.83
C VAL F 115 6.58 7.22 35.78
N ARG F 116 5.45 7.83 36.18
CA ARG F 116 4.55 7.17 37.10
C ARG F 116 3.63 6.21 36.36
N ASP F 117 3.37 6.49 35.08
CA ASP F 117 2.40 5.74 34.29
C ASP F 117 2.66 5.79 32.78
N TYR F 118 1.73 5.21 32.01
CA TYR F 118 1.85 5.15 30.55
C TYR F 118 1.55 6.45 29.81
N ARG F 119 0.91 7.42 30.47
CA ARG F 119 0.59 8.70 29.84
C ARG F 119 1.85 9.55 29.81
N GLU F 120 2.59 9.46 30.90
CA GLU F 120 3.84 10.17 31.07
C GLU F 120 4.93 9.52 30.23
N ALA F 121 4.87 8.20 30.12
CA ALA F 121 5.76 7.44 29.24
C ALA F 121 5.64 7.98 27.82
N TYR F 122 4.42 8.01 27.29
CA TYR F 122 4.11 8.56 25.97
C TYR F 122 4.60 9.99 25.74
N ASN F 123 4.45 10.84 26.75
CA ASN F 123 4.91 12.23 26.70
C ASN F 123 6.44 12.31 26.64
N LEU F 124 7.08 11.42 27.42
CA LEU F 124 8.54 11.28 27.43
C LEU F 124 9.02 10.77 26.07
N GLY F 125 8.31 9.80 25.51
CA GLY F 125 8.60 9.28 24.17
C GLY F 125 8.56 10.36 23.11
N LEU F 126 7.58 11.27 23.23
CA LEU F 126 7.45 12.44 22.35
C LEU F 126 8.61 13.42 22.52
N GLU F 127 9.07 13.54 23.77
CA GLU F 127 10.19 14.41 24.13
C GLU F 127 11.46 13.93 23.46
N ILE F 128 11.64 12.62 23.51
CA ILE F 128 12.82 11.93 22.98
C ILE F 128 12.83 12.06 21.46
N LYS F 129 11.69 11.76 20.84
CA LYS F 129 11.52 11.96 19.40
C LYS F 129 11.87 13.39 18.96
N ASN F 130 11.33 14.39 19.66
CA ASN F 130 11.61 15.80 19.38
C ASN F 130 13.08 16.20 19.55
N LYS F 131 13.72 15.71 20.61
CA LYS F 131 15.12 16.00 20.91
C LYS F 131 16.08 15.41 19.87
N ILE F 132 15.82 14.19 19.41
CA ILE F 132 16.69 13.58 18.39
C ILE F 132 16.56 14.29 17.05
N LEU F 133 15.32 14.60 16.66
CA LEU F 133 15.00 15.38 15.47
C LEU F 133 15.69 16.73 15.49
N GLU F 134 15.48 17.47 16.57
CA GLU F 134 16.10 18.77 16.82
C GLU F 134 17.61 18.74 16.73
N LYS F 135 18.25 17.78 17.41
CA LYS F 135 19.71 17.78 17.47
C LYS F 135 20.42 17.14 16.25
N GLU F 136 19.82 16.09 15.69
CA GLU F 136 20.48 15.24 14.71
C GLU F 136 19.68 15.09 13.41
N LYS F 137 18.48 15.66 13.40
CA LYS F 137 17.54 15.57 12.28
C LYS F 137 17.23 14.13 11.81
N ILE F 138 17.16 13.23 12.80
CA ILE F 138 16.81 11.81 12.59
C ILE F 138 15.42 11.55 13.19
N THR F 139 14.53 10.93 12.41
CA THR F 139 13.25 10.40 12.92
C THR F 139 13.41 8.97 13.45
N VAL F 140 12.74 8.67 14.56
CA VAL F 140 12.82 7.39 15.22
C VAL F 140 11.41 6.90 15.53
N THR F 141 11.28 5.62 15.86
CA THR F 141 10.03 5.08 16.34
C THR F 141 10.24 4.65 17.79
N VAL F 142 9.34 5.08 18.67
CA VAL F 142 9.37 4.74 20.09
C VAL F 142 8.28 3.68 20.39
N GLY F 143 8.68 2.65 21.14
CA GLY F 143 7.76 1.61 21.61
C GLY F 143 7.79 1.64 23.14
N ILE F 144 6.62 1.54 23.76
CA ILE F 144 6.49 1.62 25.22
C ILE F 144 5.65 0.46 25.71
N SER F 145 6.14 -0.27 26.72
CA SER F 145 5.39 -1.39 27.29
C SER F 145 5.98 -1.79 28.66
N LYS F 146 5.67 -3.01 29.10
CA LYS F 146 5.98 -3.45 30.48
C LYS F 146 7.25 -4.28 30.54
N ASN F 147 7.72 -4.72 29.36
CA ASN F 147 8.99 -5.40 29.20
C ASN F 147 9.63 -5.09 27.84
N LYS F 148 10.85 -5.60 27.63
CA LYS F 148 11.65 -5.35 26.40
C LYS F 148 10.98 -5.92 25.15
N VAL F 149 10.49 -7.15 25.26
CA VAL F 149 9.86 -7.84 24.16
C VAL F 149 8.68 -7.07 23.63
N PHE F 150 7.77 -6.66 24.52
CA PHE F 150 6.58 -5.94 24.08
C PHE F 150 6.83 -4.48 23.76
N ALA F 151 7.91 -3.89 24.29
CA ALA F 151 8.30 -2.54 23.87
C ALA F 151 8.80 -2.58 22.40
N LYS F 152 9.50 -3.66 22.03
CA LYS F 152 9.97 -3.81 20.65
C LYS F 152 8.81 -4.09 19.69
N ILE F 153 7.88 -4.93 20.12
CA ILE F 153 6.69 -5.24 19.33
C ILE F 153 5.92 -3.96 18.98
N ALA F 154 5.82 -3.07 19.96
CA ALA F 154 5.11 -1.79 19.85
C ALA F 154 5.73 -0.89 18.78
N ALA F 155 7.06 -0.80 18.80
CA ALA F 155 7.80 -0.04 17.81
C ALA F 155 7.64 -0.66 16.40
N ASP F 156 7.61 -2.00 16.34
CA ASP F 156 7.39 -2.73 15.08
C ASP F 156 6.02 -2.41 14.46
N MET F 157 5.06 -2.05 15.30
CA MET F 157 3.72 -1.70 14.86
C MET F 157 3.59 -0.23 14.44
N ALA F 158 4.42 0.64 15.00
CA ALA F 158 4.32 2.08 14.75
C ALA F 158 5.28 2.62 13.67
N LYS F 159 6.29 1.85 13.31
CA LYS F 159 7.33 2.35 12.42
C LYS F 159 6.77 2.58 11.01
N PRO F 160 7.25 3.65 10.32
CA PRO F 160 8.27 4.62 10.74
C PRO F 160 7.69 5.87 11.39
N ASN F 161 8.54 6.61 12.07
CA ASN F 161 8.17 7.85 12.78
C ASN F 161 6.93 7.69 13.65
N GLY F 162 6.91 6.63 14.44
CA GLY F 162 5.77 6.36 15.32
C GLY F 162 6.06 6.41 16.80
N ILE F 163 4.99 6.30 17.58
CA ILE F 163 5.06 6.12 19.03
C ILE F 163 3.85 5.30 19.49
N LYS F 164 4.11 4.23 20.22
CA LYS F 164 3.08 3.25 20.51
C LYS F 164 3.25 2.68 21.90
N VAL F 165 2.19 2.76 22.69
CA VAL F 165 2.13 2.09 23.99
C VAL F 165 1.29 0.82 23.83
N ILE F 166 1.82 -0.30 24.34
CA ILE F 166 1.03 -1.52 24.49
C ILE F 166 0.85 -1.71 26.00
N ASP F 167 -0.33 -1.34 26.51
CA ASP F 167 -0.63 -1.43 27.94
C ASP F 167 -0.86 -2.88 28.38
N ASP F 168 -1.11 -3.06 29.67
CA ASP F 168 -1.17 -4.40 30.31
C ASP F 168 -2.28 -5.24 29.70
N GLU F 169 -3.37 -4.58 29.33
CA GLU F 169 -4.52 -5.24 28.71
C GLU F 169 -4.21 -5.70 27.27
N GLU F 170 -3.55 -4.85 26.50
CA GLU F 170 -3.15 -5.23 25.14
C GLU F 170 -2.12 -6.37 25.12
N VAL F 171 -1.20 -6.38 26.09
CA VAL F 171 -0.28 -7.50 26.27
C VAL F 171 -1.07 -8.81 26.36
N LYS F 172 -2.04 -8.85 27.28
CA LYS F 172 -3.02 -9.96 27.41
C LYS F 172 -3.75 -10.30 26.11
N ARG F 173 -4.16 -9.28 25.37
CA ARG F 173 -4.78 -9.51 24.07
C ARG F 173 -3.78 -10.08 23.07
N LEU F 174 -2.55 -9.56 23.07
CA LEU F 174 -1.54 -9.99 22.10
C LEU F 174 -1.06 -11.40 22.38
N ILE F 175 -0.98 -11.75 23.66
CA ILE F 175 -0.68 -13.11 24.08
C ILE F 175 -1.65 -14.08 23.38
N ARG F 176 -2.91 -13.66 23.24
CA ARG F 176 -3.93 -14.43 22.54
C ARG F 176 -3.88 -14.29 21.01
N GLU F 177 -3.65 -13.07 20.54
CA GLU F 177 -3.96 -12.75 19.15
C GLU F 177 -2.77 -12.54 18.19
N LEU F 178 -1.58 -12.22 18.72
CA LEU F 178 -0.40 -11.95 17.90
C LEU F 178 0.15 -13.20 17.21
N ASP F 179 0.38 -13.10 15.90
CA ASP F 179 1.11 -14.14 15.14
C ASP F 179 2.41 -14.39 15.90
N ILE F 180 2.67 -15.65 16.25
CA ILE F 180 3.83 -15.93 17.13
C ILE F 180 5.12 -15.70 16.36
N ALA F 181 5.00 -15.60 15.04
CA ALA F 181 6.11 -15.32 14.16
C ALA F 181 6.56 -13.87 14.29
N ASP F 182 5.70 -13.01 14.81
CA ASP F 182 6.06 -11.60 15.02
C ASP F 182 6.67 -11.35 16.41
N VAL F 183 6.91 -12.43 17.16
CA VAL F 183 7.61 -12.35 18.44
C VAL F 183 9.12 -12.33 18.19
N PRO F 184 9.84 -11.32 18.73
CA PRO F 184 11.31 -11.28 18.62
C PRO F 184 11.97 -12.59 19.08
N GLY F 185 12.92 -13.05 18.29
CA GLY F 185 13.58 -14.31 18.53
C GLY F 185 12.91 -15.48 17.83
N ILE F 186 11.74 -15.24 17.26
CA ILE F 186 11.06 -16.22 16.41
C ILE F 186 11.29 -15.86 14.94
N GLY F 187 12.25 -16.58 14.35
CA GLY F 187 12.54 -16.48 12.93
C GLY F 187 11.78 -17.51 12.11
N ASN F 188 12.07 -17.54 10.81
CA ASN F 188 11.34 -18.41 9.90
C ASN F 188 11.46 -19.88 10.26
N ILE F 189 12.66 -20.32 10.65
CA ILE F 189 12.86 -21.72 11.00
C ILE F 189 12.10 -22.10 12.26
N THR F 190 12.16 -21.28 13.31
CA THR F 190 11.39 -21.53 14.54
C THR F 190 9.88 -21.41 14.32
N ALA F 191 9.45 -20.46 13.50
CA ALA F 191 8.02 -20.28 13.20
C ALA F 191 7.42 -21.54 12.58
N GLU F 192 8.19 -22.17 11.69
CA GLU F 192 7.76 -23.37 10.99
C GLU F 192 7.70 -24.60 11.90
N LYS F 193 8.67 -24.73 12.80
CA LYS F 193 8.68 -25.81 13.78
C LYS F 193 7.46 -25.70 14.71
N LEU F 194 7.12 -24.48 15.09
CA LEU F 194 5.98 -24.19 15.95
C LEU F 194 4.67 -24.44 15.21
N LYS F 195 4.63 -24.08 13.92
CA LYS F 195 3.48 -24.39 13.07
C LYS F 195 3.15 -25.88 13.12
N LYS F 196 4.15 -26.73 12.84
CA LYS F 196 4.05 -28.19 12.95
C LYS F 196 3.48 -28.72 14.27
N LEU F 197 3.65 -27.96 15.34
CA LEU F 197 3.11 -28.34 16.64
C LEU F 197 1.71 -27.74 16.81
N GLY F 198 1.28 -26.98 15.81
CA GLY F 198 0.03 -26.21 15.89
C GLY F 198 0.07 -25.06 16.88
N ILE F 199 1.25 -24.43 17.04
CA ILE F 199 1.42 -23.22 17.86
C ILE F 199 1.50 -21.98 16.95
N ASN F 200 0.46 -21.15 16.96
CA ASN F 200 0.40 -19.96 16.11
C ASN F 200 0.38 -18.68 16.93
N LYS F 201 0.15 -18.81 18.24
CA LYS F 201 0.04 -17.69 19.17
C LYS F 201 0.83 -18.00 20.44
N LEU F 202 1.22 -16.97 21.19
CA LEU F 202 1.88 -17.22 22.46
C LEU F 202 1.03 -18.09 23.39
N VAL F 203 -0.26 -17.81 23.46
CA VAL F 203 -1.15 -18.51 24.39
C VAL F 203 -1.08 -20.03 24.22
N ASP F 204 -0.79 -20.47 22.99
CA ASP F 204 -0.76 -21.88 22.64
C ASP F 204 0.34 -22.65 23.39
N THR F 205 1.43 -21.97 23.73
CA THR F 205 2.60 -22.64 24.32
C THR F 205 2.29 -23.18 25.71
N LEU F 206 1.20 -22.70 26.30
CA LEU F 206 0.82 -23.09 27.66
C LEU F 206 0.02 -24.37 27.71
N SER F 207 -0.57 -24.76 26.57
CA SER F 207 -1.44 -25.94 26.51
C SER F 207 -0.81 -27.14 25.80
N ILE F 208 0.41 -26.96 25.29
CA ILE F 208 1.19 -28.08 24.77
C ILE F 208 2.03 -28.57 25.95
N GLU F 209 2.40 -29.84 25.92
CA GLU F 209 3.27 -30.42 26.93
C GLU F 209 4.65 -29.80 26.71
N PHE F 210 5.29 -29.37 27.81
CA PHE F 210 6.59 -28.70 27.76
C PHE F 210 7.66 -29.50 27.01
N ASP F 211 7.71 -30.80 27.26
CA ASP F 211 8.74 -31.65 26.66
C ASP F 211 8.62 -31.77 25.14
N LYS F 212 7.39 -31.81 24.62
CA LYS F 212 7.15 -31.74 23.18
C LYS F 212 7.62 -30.40 22.57
N LEU F 213 7.45 -29.32 23.33
CA LEU F 213 7.91 -27.98 22.91
C LEU F 213 9.43 -27.85 23.00
N LYS F 214 9.98 -28.14 24.18
CA LYS F 214 11.43 -28.21 24.41
C LYS F 214 12.08 -29.17 23.40
N GLY F 215 11.36 -30.21 23.02
CA GLY F 215 11.81 -31.17 22.01
C GLY F 215 12.01 -30.61 20.62
N MET F 216 11.14 -29.67 20.22
CA MET F 216 11.22 -29.10 18.88
C MET F 216 12.07 -27.86 18.79
N ILE F 217 11.97 -26.98 19.79
CA ILE F 217 12.61 -25.66 19.71
C ILE F 217 13.73 -25.39 20.74
N GLY F 218 13.96 -26.33 21.64
CA GLY F 218 15.04 -26.20 22.61
C GLY F 218 14.50 -25.61 23.91
N GLU F 219 15.22 -25.90 24.99
CA GLU F 219 14.79 -25.54 26.33
C GLU F 219 14.61 -24.03 26.51
N ALA F 220 15.59 -23.27 26.01
CA ALA F 220 15.66 -21.83 26.21
C ALA F 220 14.56 -21.08 25.46
N LYS F 221 14.31 -21.45 24.21
CA LYS F 221 13.23 -20.84 23.44
C LYS F 221 11.85 -21.22 24.00
N ALA F 222 11.68 -22.49 24.38
CA ALA F 222 10.45 -22.92 25.04
C ALA F 222 10.17 -22.08 26.29
N LYS F 223 11.17 -21.94 27.17
CA LYS F 223 11.00 -21.21 28.42
C LYS F 223 10.76 -19.73 28.17
N TYR F 224 11.49 -19.16 27.22
CA TYR F 224 11.29 -17.77 26.78
C TYR F 224 9.82 -17.53 26.40
N LEU F 225 9.30 -18.38 25.53
CA LEU F 225 7.97 -18.20 24.97
C LEU F 225 6.88 -18.39 26.01
N ILE F 226 7.03 -19.43 26.84
CA ILE F 226 6.14 -19.68 28.00
C ILE F 226 6.08 -18.50 29.00
N SER F 227 7.23 -17.91 29.34
CA SER F 227 7.24 -16.77 30.30
C SER F 227 6.57 -15.52 29.72
N LEU F 228 6.72 -15.35 28.42
CA LEU F 228 5.96 -14.35 27.70
C LEU F 228 4.46 -14.63 27.72
N ALA F 229 4.07 -15.88 27.51
CA ALA F 229 2.64 -16.26 27.54
C ALA F 229 2.05 -16.19 28.96
N ARG F 230 2.88 -16.41 29.97
CA ARG F 230 2.47 -16.32 31.39
C ARG F 230 2.46 -14.89 31.88
N ASP F 231 2.91 -13.97 31.03
CA ASP F 231 3.13 -12.58 31.40
C ASP F 231 4.07 -12.44 32.60
N GLU F 232 5.10 -13.30 32.59
CA GLU F 232 6.13 -13.38 33.62
C GLU F 232 7.54 -13.07 33.09
N TYR F 233 7.65 -12.61 31.84
CA TYR F 233 8.91 -12.10 31.29
C TYR F 233 9.20 -10.70 31.82
N ASN F 234 10.33 -10.49 32.47
CA ASN F 234 10.71 -9.11 32.81
C ASN F 234 12.22 -8.91 32.97
N GLU F 235 12.93 -9.47 31.99
CA GLU F 235 14.37 -9.32 31.80
C GLU F 235 14.82 -7.88 31.96
N PRO F 236 15.84 -7.65 32.80
CA PRO F 236 16.28 -6.27 33.03
C PRO F 236 16.97 -5.63 31.81
N ILE F 237 16.95 -4.30 31.79
CA ILE F 237 17.73 -3.52 30.88
C ILE F 237 19.18 -3.56 31.37
N ARG F 238 20.07 -4.03 30.50
CA ARG F 238 21.42 -4.39 30.89
C ARG F 238 22.43 -3.89 29.86
N THR F 239 23.59 -3.48 30.33
CA THR F 239 24.66 -2.99 29.46
C THR F 239 25.26 -4.16 28.67
N ARG F 240 25.08 -4.13 27.36
CA ARG F 240 25.55 -5.22 26.49
C ARG F 240 27.05 -5.06 26.25
N VAL F 241 27.80 -6.13 26.46
CA VAL F 241 29.26 -6.06 26.41
C VAL F 241 29.74 -6.71 25.12
N ARG F 242 30.50 -5.97 24.31
CA ARG F 242 31.04 -6.50 23.06
C ARG F 242 32.01 -7.67 23.31
N LYS F 243 31.73 -8.81 22.69
CA LYS F 243 32.46 -10.06 22.93
C LYS F 243 33.37 -10.55 21.82
N SER F 244 33.16 -10.09 20.60
CA SER F 244 34.02 -10.47 19.48
C SER F 244 34.07 -9.36 18.43
N ILE F 245 35.17 -9.32 17.69
CA ILE F 245 35.38 -8.37 16.60
C ILE F 245 35.99 -9.15 15.44
N GLY F 246 35.49 -8.88 14.24
CA GLY F 246 35.92 -9.68 13.11
C GLY F 246 35.75 -9.00 11.78
N ARG F 247 36.25 -9.65 10.76
CA ARG F 247 36.16 -9.12 9.42
C ARG F 247 36.14 -10.27 8.44
N ILE F 248 35.20 -10.22 7.53
CA ILE F 248 35.02 -11.29 6.57
C ILE F 248 34.87 -10.64 5.19
N VAL F 249 35.67 -11.10 4.21
CA VAL F 249 35.70 -10.49 2.88
C VAL F 249 35.40 -11.50 1.77
N THR F 250 34.78 -11.00 0.71
CA THR F 250 34.44 -11.81 -0.45
C THR F 250 35.65 -11.85 -1.35
N MET F 251 36.06 -13.04 -1.75
CA MET F 251 37.16 -13.18 -2.70
C MET F 251 36.68 -12.87 -4.14
N LYS F 252 37.59 -12.38 -4.98
CA LYS F 252 37.25 -12.09 -6.36
C LYS F 252 36.73 -13.38 -7.05
N ARG F 253 37.38 -14.52 -6.81
CA ARG F 253 36.84 -15.83 -7.23
C ARG F 253 36.92 -16.92 -6.15
N ASN F 254 35.99 -17.89 -6.16
CA ASN F 254 36.05 -19.05 -5.23
C ASN F 254 37.37 -19.80 -5.34
N SER F 255 37.85 -20.35 -4.22
CA SER F 255 39.19 -21.00 -4.18
C SER F 255 39.41 -21.97 -3.04
N ARG F 256 40.25 -22.96 -3.28
CA ARG F 256 40.88 -23.74 -2.21
C ARG F 256 42.41 -23.79 -2.31
N ASN F 257 42.96 -22.76 -2.95
CA ASN F 257 44.38 -22.55 -2.98
C ASN F 257 44.79 -21.61 -1.84
N LEU F 258 45.64 -22.14 -0.94
CA LEU F 258 46.16 -21.41 0.20
C LEU F 258 46.75 -20.03 -0.14
N GLU F 259 47.63 -20.00 -1.13
CA GLU F 259 48.31 -18.77 -1.53
C GLU F 259 47.38 -17.75 -2.20
N GLU F 260 46.25 -18.23 -2.68
CA GLU F 260 45.25 -17.36 -3.28
C GLU F 260 44.38 -16.68 -2.21
N ILE F 261 44.22 -17.36 -1.07
CA ILE F 261 43.30 -16.94 -0.02
C ILE F 261 44.02 -16.05 0.98
N LYS F 262 45.33 -16.29 1.12
CA LYS F 262 46.17 -15.62 2.10
C LYS F 262 46.01 -14.09 2.08
N PRO F 263 46.17 -13.43 0.91
CA PRO F 263 46.02 -11.97 0.88
C PRO F 263 44.71 -11.44 1.49
N TYR F 264 43.63 -12.16 1.25
CA TYR F 264 42.32 -11.77 1.71
C TYR F 264 42.24 -11.98 3.20
N LEU F 265 42.72 -13.14 3.64
CA LEU F 265 42.84 -13.47 5.07
C LEU F 265 43.66 -12.44 5.84
N PHE F 266 44.80 -12.06 5.27
CA PHE F 266 45.68 -11.11 5.91
C PHE F 266 45.07 -9.69 5.98
N ARG F 267 44.44 -9.26 4.88
CA ARG F 267 43.57 -8.06 4.84
C ARG F 267 42.52 -8.09 5.96
N ALA F 268 41.79 -9.20 6.07
CA ALA F 268 40.80 -9.35 7.13
C ALA F 268 41.44 -9.20 8.52
N ILE F 269 42.62 -9.80 8.71
CA ILE F 269 43.38 -9.66 9.95
C ILE F 269 43.75 -8.20 10.16
N GLU F 270 44.28 -7.54 9.14
CA GLU F 270 44.69 -6.13 9.30
C GLU F 270 43.51 -5.26 9.72
N GLU F 271 42.40 -5.39 8.99
CA GLU F 271 41.21 -4.64 9.31
C GLU F 271 40.70 -4.95 10.71
N SER F 272 40.73 -6.23 11.12
CA SER F 272 40.29 -6.62 12.48
C SER F 272 41.12 -5.99 13.61
N TYR F 273 42.45 -5.98 13.45
CA TYR F 273 43.33 -5.27 14.40
C TYR F 273 43.13 -3.77 14.50
N TYR F 274 42.76 -3.13 13.40
CA TYR F 274 42.40 -1.71 13.40
C TYR F 274 41.14 -1.47 14.25
N LYS F 275 40.21 -2.43 14.20
CA LYS F 275 38.94 -2.38 14.91
C LYS F 275 39.09 -2.74 16.38
N LEU F 276 39.91 -3.75 16.69
CA LEU F 276 40.22 -4.09 18.08
C LEU F 276 40.69 -2.88 18.90
N ASP F 277 41.46 -2.00 18.24
CA ASP F 277 42.13 -0.86 18.88
C ASP F 277 42.98 -1.33 20.05
N LYS F 278 42.50 -1.09 21.26
CA LYS F 278 43.27 -1.37 22.46
C LYS F 278 42.87 -2.68 23.12
N ARG F 279 41.83 -3.31 22.57
CA ARG F 279 41.43 -4.64 23.01
C ARG F 279 42.41 -5.69 22.53
N ILE F 280 42.74 -6.63 23.42
CA ILE F 280 43.68 -7.68 23.16
C ILE F 280 42.94 -8.98 23.29
N PRO F 281 42.79 -9.71 22.17
CA PRO F 281 42.09 -11.00 22.14
C PRO F 281 42.94 -12.17 22.62
N LYS F 282 42.35 -13.18 23.26
CA LYS F 282 43.07 -14.45 23.54
C LYS F 282 42.68 -15.57 22.58
N ALA F 283 41.61 -15.33 21.81
CA ALA F 283 41.06 -16.29 20.87
C ALA F 283 40.97 -15.77 19.42
N ILE F 284 41.32 -16.64 18.48
CA ILE F 284 41.24 -16.32 17.05
C ILE F 284 40.49 -17.43 16.36
N HIS F 285 39.58 -17.06 15.48
CA HIS F 285 38.86 -18.02 14.67
C HIS F 285 39.03 -17.59 13.24
N VAL F 286 39.23 -18.56 12.38
CA VAL F 286 39.15 -18.35 10.94
C VAL F 286 37.77 -18.82 10.53
N VAL F 287 37.11 -18.00 9.70
CA VAL F 287 35.74 -18.22 9.29
C VAL F 287 35.76 -18.27 7.75
N ALA F 288 35.34 -19.42 7.21
CA ALA F 288 35.26 -19.62 5.76
C ALA F 288 33.79 -19.77 5.36
N VAL F 289 33.35 -18.99 4.38
CA VAL F 289 32.04 -19.20 3.79
C VAL F 289 32.24 -19.94 2.48
N THR F 290 31.65 -21.13 2.35
CA THR F 290 31.83 -21.96 1.16
C THR F 290 30.99 -21.46 -0.01
N GLU F 291 31.32 -21.94 -1.21
CA GLU F 291 30.63 -21.60 -2.47
C GLU F 291 29.11 -21.72 -2.45
N ASP F 292 28.62 -22.70 -1.69
CA ASP F 292 27.19 -22.96 -1.50
C ASP F 292 26.68 -22.27 -0.23
N LEU F 293 27.40 -21.24 0.19
CA LEU F 293 27.05 -20.32 1.30
C LEU F 293 26.97 -20.89 2.73
N ASP F 294 27.57 -22.05 2.97
CA ASP F 294 27.72 -22.56 4.33
C ASP F 294 28.88 -21.89 5.05
N ILE F 295 28.82 -21.91 6.38
CA ILE F 295 29.86 -21.29 7.20
C ILE F 295 30.60 -22.36 8.00
N VAL F 296 31.92 -22.37 7.87
CA VAL F 296 32.79 -23.34 8.52
C VAL F 296 33.86 -22.52 9.25
N SER F 297 34.10 -22.84 10.52
CA SER F 297 35.10 -22.12 11.29
C SER F 297 35.97 -22.98 12.21
N ARG F 298 37.22 -22.55 12.40
CA ARG F 298 38.17 -23.20 13.32
C ARG F 298 38.88 -22.14 14.13
N GLY F 299 39.09 -22.43 15.41
CA GLY F 299 39.63 -21.44 16.33
C GLY F 299 40.75 -21.94 17.23
N ARG F 300 41.45 -20.99 17.83
CA ARG F 300 42.42 -21.30 18.87
C ARG F 300 42.35 -20.28 20.00
N THR F 301 42.31 -20.79 21.23
CA THR F 301 42.47 -19.98 22.42
C THR F 301 43.91 -20.13 22.98
N PHE F 302 44.56 -19.00 23.23
CA PHE F 302 45.91 -18.96 23.81
C PHE F 302 45.77 -18.57 25.29
N PRO F 303 46.73 -18.97 26.15
CA PRO F 303 46.70 -18.47 27.53
C PRO F 303 47.29 -17.07 27.69
N HIS F 304 47.30 -16.28 26.61
CA HIS F 304 47.85 -14.92 26.59
C HIS F 304 47.18 -14.19 25.43
N GLY F 305 47.49 -12.91 25.26
CA GLY F 305 46.98 -12.14 24.14
C GLY F 305 47.64 -12.48 22.82
N ILE F 306 46.97 -12.18 21.72
CA ILE F 306 47.47 -12.57 20.40
C ILE F 306 48.05 -11.35 19.70
N SER F 307 49.37 -11.32 19.51
CA SER F 307 50.01 -10.28 18.68
C SER F 307 49.57 -10.44 17.25
N LYS F 308 49.76 -9.40 16.44
CA LYS F 308 49.28 -9.44 15.09
C LYS F 308 50.04 -10.54 14.33
N GLU F 309 51.31 -10.70 14.66
CA GLU F 309 52.16 -11.70 14.00
C GLU F 309 51.67 -13.11 14.30
N THR F 310 51.31 -13.37 15.57
CA THR F 310 50.69 -14.64 15.98
C THR F 310 49.32 -14.86 15.30
N ALA F 311 48.52 -13.81 15.14
CA ALA F 311 47.31 -13.86 14.31
C ALA F 311 47.63 -14.35 12.87
N TYR F 312 48.60 -13.73 12.23
CA TYR F 312 49.07 -14.19 10.92
C TYR F 312 49.43 -15.66 10.90
N SER F 313 50.38 -16.06 11.75
CA SER F 313 50.82 -17.44 11.68
C SER F 313 49.71 -18.43 12.03
N GLU F 314 48.99 -18.18 13.12
CA GLU F 314 47.91 -19.08 13.51
C GLU F 314 46.74 -19.18 12.50
N SER F 315 46.35 -18.05 11.91
CA SER F 315 45.27 -18.02 10.93
C SER F 315 45.53 -18.95 9.74
N VAL F 316 46.80 -19.11 9.39
CA VAL F 316 47.18 -19.97 8.27
C VAL F 316 46.98 -21.42 8.67
N LYS F 317 47.37 -21.76 9.91
CA LYS F 317 47.18 -23.09 10.48
C LYS F 317 45.71 -23.45 10.52
N LEU F 318 44.89 -22.51 10.95
CA LEU F 318 43.44 -22.71 11.02
C LEU F 318 42.76 -22.81 9.65
N LEU F 319 43.22 -22.03 8.67
CA LEU F 319 42.76 -22.14 7.29
C LEU F 319 43.05 -23.53 6.71
N GLN F 320 44.24 -24.03 6.96
CA GLN F 320 44.62 -25.36 6.50
C GLN F 320 43.82 -26.49 7.16
N LYS F 321 43.45 -26.32 8.43
CA LYS F 321 42.58 -27.28 9.11
C LYS F 321 41.20 -27.28 8.46
N ILE F 322 40.70 -26.10 8.09
CA ILE F 322 39.44 -25.98 7.34
C ILE F 322 39.52 -26.71 5.99
N LEU F 323 40.56 -26.40 5.22
CA LEU F 323 40.77 -26.97 3.89
C LEU F 323 40.82 -28.49 3.91
N GLU F 324 41.42 -29.04 4.97
CA GLU F 324 41.52 -30.49 5.15
C GLU F 324 40.20 -31.13 5.50
N GLU F 325 39.42 -30.42 6.32
CA GLU F 325 38.23 -31.01 6.91
C GLU F 325 36.99 -30.75 6.07
N ASP F 326 37.13 -29.86 5.09
CA ASP F 326 36.03 -29.55 4.20
C ASP F 326 36.57 -29.40 2.79
N GLU F 327 35.94 -30.08 1.85
CA GLU F 327 36.46 -30.10 0.48
C GLU F 327 35.83 -29.08 -0.48
N ARG F 328 34.87 -28.31 0.02
CA ARG F 328 34.21 -27.31 -0.82
C ARG F 328 35.14 -26.14 -1.08
N LYS F 329 34.88 -25.42 -2.17
CA LYS F 329 35.58 -24.19 -2.49
C LYS F 329 35.08 -23.07 -1.56
N ILE F 330 35.96 -22.12 -1.28
CA ILE F 330 35.67 -21.03 -0.36
C ILE F 330 35.36 -19.76 -1.15
N ARG F 331 34.33 -19.03 -0.74
CA ARG F 331 33.90 -17.81 -1.43
C ARG F 331 34.25 -16.56 -0.63
N ARG F 332 34.04 -16.64 0.69
CA ARG F 332 34.33 -15.56 1.61
C ARG F 332 35.29 -16.08 2.67
N ILE F 333 36.24 -15.25 3.07
CA ILE F 333 37.22 -15.65 4.08
C ILE F 333 37.39 -14.51 5.08
N GLY F 334 37.52 -14.89 6.35
CA GLY F 334 37.56 -13.91 7.41
C GLY F 334 38.09 -14.44 8.70
N VAL F 335 38.11 -13.56 9.68
CA VAL F 335 38.70 -13.89 10.94
C VAL F 335 37.86 -13.25 12.01
N ARG F 336 37.87 -13.84 13.20
CA ARG F 336 37.14 -13.32 14.33
C ARG F 336 38.01 -13.42 15.60
N PHE F 337 37.99 -12.37 16.39
CA PHE F 337 38.76 -12.29 17.63
C PHE F 337 37.84 -12.15 18.85
N SER F 338 38.18 -12.87 19.93
CA SER F 338 37.36 -12.93 21.14
C SER F 338 38.20 -13.19 22.39
N LYS F 339 37.51 -13.40 23.51
CA LYS F 339 38.06 -13.53 24.86
C LYS F 339 39.10 -12.49 25.13
N PHE F 340 38.62 -11.25 25.22
CA PHE F 340 39.47 -10.10 25.38
C PHE F 340 40.01 -10.11 26.81
N ILE F 341 41.22 -9.58 26.98
CA ILE F 341 41.87 -9.50 28.28
C ILE F 341 41.18 -8.43 29.11
#